data_8D01
#
_entry.id   8D01
#
_cell.length_a   260.367
_cell.length_b   45.151
_cell.length_c   84.610
_cell.angle_alpha   90.000
_cell.angle_beta   98.609
_cell.angle_gamma   90.000
#
_symmetry.space_group_name_H-M   'C 1 2 1'
#
loop_
_entity.id
_entity.type
_entity.pdbx_description
1 polymer '21N13 Fab heavy chain'
2 polymer '21N13 Fab light chain'
3 water water
#
loop_
_entity_poly.entity_id
_entity_poly.type
_entity_poly.pdbx_seq_one_letter_code
_entity_poly.pdbx_strand_id
1 'polypeptide(L)'
;QVQLQESGPGRVKPSETLSLTCAVSDDSFGSSYFYWSWIRQAPGKGLEWIGYIAYSGGVRYNPSLSSRVTISRNIHERQF
YLRLTSMTAADTAVYYCARHCEDDYGYYSAAQSYGLDSWGQGIAVTVSPSTKGPSVFPLAPSGTAALGCLVKDYFPEPVT
VSWNSGALTSGVHTFPAVLQSSGLYSLSSVVTVPSSSLGTQTYICNVNHKPSNTKVDKRVEPKSC
;
H,A
2 'polypeptide(L)'
;DIQMTQSPSSLSASVGDRVTITCRTSENVNNCLNWYQQKPGKAPKLLIYRTSTLQRGVPSRFSGTGSGTDYTLTISSLQS
EDFGTYYCQHYYGTPLTFGGGTMVDIKRTVAAPSVFIFPPSDEQLKSGTASVVCLLNNFYPREAKVQWKVDNALQSGNSQ
ESVTEQDSKDSTYSLSSTLTLSKADYEKHKVYACEVTHQGLSSPVTKSFNRGE
;
L,B
#
# COMPACT_ATOMS: atom_id res chain seq x y z
N GLN A 1 -12.26 -4.61 -28.90
CA GLN A 1 -13.08 -4.63 -27.69
C GLN A 1 -12.37 -5.36 -26.56
N VAL A 2 -11.44 -4.67 -25.92
CA VAL A 2 -10.60 -5.24 -24.87
C VAL A 2 -10.46 -4.22 -23.75
N GLN A 3 -10.66 -4.67 -22.52
CA GLN A 3 -10.48 -3.84 -21.34
C GLN A 3 -9.17 -4.22 -20.67
N LEU A 4 -8.34 -3.22 -20.36
CA LEU A 4 -7.06 -3.43 -19.71
C LEU A 4 -7.17 -2.97 -18.26
N GLN A 5 -6.84 -3.86 -17.33
CA GLN A 5 -6.89 -3.57 -15.91
C GLN A 5 -5.48 -3.64 -15.32
N GLU A 6 -5.08 -2.58 -14.64
CA GLU A 6 -3.75 -2.48 -14.05
C GLU A 6 -3.79 -2.76 -12.56
N SER A 7 -2.66 -3.23 -12.03
CA SER A 7 -2.51 -3.51 -10.61
C SER A 7 -1.05 -3.40 -10.24
N GLY A 8 -0.78 -2.92 -9.04
CA GLY A 8 0.57 -2.74 -8.57
C GLY A 8 0.69 -1.68 -7.49
N PRO A 9 1.82 -1.67 -6.79
CA PRO A 9 2.00 -0.70 -5.70
C PRO A 9 2.09 0.72 -6.24
N GLY A 10 1.52 1.66 -5.48
CA GLY A 10 1.60 3.06 -5.82
C GLY A 10 2.76 3.76 -5.13
N ARG A 11 3.16 3.23 -3.98
CA ARG A 11 4.26 3.78 -3.20
C ARG A 11 5.48 2.87 -3.37
N VAL A 12 6.61 3.46 -3.72
CA VAL A 12 7.86 2.72 -3.91
C VAL A 12 8.98 3.48 -3.23
N LYS A 13 9.77 2.78 -2.42
CA LYS A 13 10.89 3.41 -1.75
C LYS A 13 12.00 3.70 -2.76
N PRO A 14 12.83 4.71 -2.50
CA PRO A 14 13.94 5.00 -3.41
C PRO A 14 14.87 3.81 -3.58
N SER A 15 15.34 3.62 -4.81
CA SER A 15 16.26 2.57 -5.26
C SER A 15 15.62 1.19 -5.33
N GLU A 16 14.33 1.05 -5.02
CA GLU A 16 13.68 -0.24 -5.14
C GLU A 16 13.13 -0.43 -6.55
N THR A 17 12.41 -1.53 -6.77
CA THR A 17 11.96 -1.94 -8.10
C THR A 17 10.45 -1.83 -8.19
N LEU A 18 9.97 -1.13 -9.21
CA LEU A 18 8.54 -1.07 -9.49
C LEU A 18 8.13 -2.28 -10.32
N SER A 19 7.01 -2.90 -9.93
CA SER A 19 6.48 -4.05 -10.64
C SER A 19 4.98 -3.83 -10.87
N LEU A 20 4.56 -3.86 -12.13
CA LEU A 20 3.19 -3.57 -12.50
C LEU A 20 2.63 -4.72 -13.34
N THR A 21 1.32 -4.92 -13.22
CA THR A 21 0.61 -5.97 -13.93
C THR A 21 -0.54 -5.36 -14.73
N CYS A 22 -0.75 -5.87 -15.94
CA CYS A 22 -1.84 -5.43 -16.81
C CYS A 22 -2.58 -6.66 -17.30
N ALA A 23 -3.86 -6.77 -16.94
CA ALA A 23 -4.68 -7.91 -17.30
C ALA A 23 -5.51 -7.58 -18.54
N VAL A 24 -5.50 -8.50 -19.51
CA VAL A 24 -6.22 -8.34 -20.78
C VAL A 24 -7.45 -9.23 -20.75
N SER A 25 -8.57 -8.71 -21.26
CA SER A 25 -9.87 -9.33 -21.05
C SER A 25 -10.30 -10.29 -22.15
N ASP A 26 -9.63 -10.30 -23.31
CA ASP A 26 -10.09 -11.12 -24.43
C ASP A 26 -8.88 -11.82 -25.06
N ASP A 27 -9.14 -12.44 -26.21
CA ASP A 27 -8.19 -13.36 -26.85
C ASP A 27 -7.16 -12.69 -27.73
N SER A 28 -7.28 -11.39 -27.98
CA SER A 28 -6.27 -10.69 -28.78
C SER A 28 -4.90 -10.69 -28.13
N PHE A 29 -4.79 -11.14 -26.87
CA PHE A 29 -3.50 -11.21 -26.20
C PHE A 29 -2.63 -12.33 -26.77
N GLY A 30 -3.25 -13.34 -27.39
CA GLY A 30 -2.50 -14.44 -27.94
C GLY A 30 -2.57 -14.47 -29.45
N SER A 31 -2.96 -13.35 -30.03
CA SER A 31 -3.12 -13.20 -31.46
C SER A 31 -1.97 -12.38 -32.04
N SER A 32 -1.80 -12.52 -33.35
CA SER A 32 -0.63 -11.98 -34.03
C SER A 32 -0.76 -10.49 -34.30
N TYR A 33 0.39 -9.83 -34.42
CA TYR A 33 0.54 -8.43 -34.81
C TYR A 33 0.02 -7.44 -33.78
N PHE A 34 -0.26 -7.89 -32.55
CA PHE A 34 -0.63 -6.99 -31.47
C PHE A 34 0.60 -6.66 -30.63
N TYR A 35 0.67 -5.42 -30.16
CA TYR A 35 1.77 -4.95 -29.33
C TYR A 35 1.22 -4.41 -28.02
N TRP A 36 1.94 -4.67 -26.94
CA TRP A 36 1.48 -4.38 -25.58
C TRP A 36 2.50 -3.47 -24.90
N SER A 37 2.17 -2.20 -24.78
CA SER A 37 3.10 -1.16 -24.40
C SER A 37 2.87 -0.69 -22.96
N TRP A 38 3.93 -0.13 -22.38
CA TRP A 38 3.85 0.58 -21.11
C TRP A 38 4.22 2.03 -21.35
N ILE A 39 3.42 2.95 -20.82
CA ILE A 39 3.60 4.38 -21.05
C ILE A 39 3.39 5.09 -19.72
N ARG A 40 4.19 6.13 -19.47
CA ARG A 40 4.09 6.89 -18.23
C ARG A 40 3.95 8.37 -18.53
N GLN A 41 3.27 9.07 -17.63
CA GLN A 41 2.99 10.50 -17.78
C GLN A 41 3.17 11.18 -16.43
N ALA A 42 4.16 12.07 -16.35
CA ALA A 42 4.36 12.81 -15.12
C ALA A 42 3.27 13.87 -14.98
N PRO A 43 2.90 14.23 -13.74
CA PRO A 43 1.85 15.24 -13.55
C PRO A 43 2.24 16.57 -14.17
N GLY A 44 1.33 17.10 -15.00
CA GLY A 44 1.60 18.33 -15.72
C GLY A 44 2.57 18.19 -16.88
N LYS A 45 2.88 16.96 -17.30
CA LYS A 45 3.83 16.74 -18.38
C LYS A 45 3.21 15.87 -19.47
N GLY A 46 4.03 15.47 -20.44
CA GLY A 46 3.57 14.68 -21.56
C GLY A 46 3.73 13.19 -21.33
N LEU A 47 3.54 12.43 -22.42
CA LEU A 47 3.57 10.98 -22.40
C LEU A 47 4.92 10.48 -22.90
N GLU A 48 5.50 9.50 -22.18
CA GLU A 48 6.75 8.88 -22.56
C GLU A 48 6.53 7.39 -22.73
N TRP A 49 6.83 6.88 -23.92
CA TRP A 49 6.71 5.45 -24.20
C TRP A 49 7.85 4.70 -23.55
N ILE A 50 7.54 3.75 -22.67
CA ILE A 50 8.57 3.00 -21.95
C ILE A 50 9.06 1.82 -22.77
N GLY A 51 8.14 1.09 -23.38
CA GLY A 51 8.49 -0.09 -24.15
C GLY A 51 7.26 -0.91 -24.42
N TYR A 52 7.42 -1.91 -25.29
CA TYR A 52 6.36 -2.88 -25.52
C TYR A 52 6.93 -4.29 -25.62
N ILE A 53 6.04 -5.27 -25.49
CA ILE A 53 6.33 -6.65 -25.80
C ILE A 53 5.42 -7.06 -26.95
N ALA A 54 5.97 -7.74 -27.94
CA ALA A 54 5.22 -8.05 -29.14
C ALA A 54 4.56 -9.43 -29.04
N TYR A 55 3.67 -9.70 -30.00
CA TYR A 55 3.05 -11.01 -30.10
C TYR A 55 4.10 -12.10 -30.25
N SER A 56 5.20 -11.81 -30.94
CA SER A 56 6.25 -12.79 -31.18
C SER A 56 7.11 -13.05 -29.95
N GLY A 57 6.92 -12.29 -28.87
CA GLY A 57 7.74 -12.42 -27.69
C GLY A 57 8.89 -11.45 -27.61
N GLY A 58 9.19 -10.75 -28.70
CA GLY A 58 10.26 -9.77 -28.67
C GLY A 58 9.85 -8.49 -27.97
N VAL A 59 10.83 -7.84 -27.34
CA VAL A 59 10.60 -6.62 -26.58
C VAL A 59 11.46 -5.52 -27.17
N ARG A 60 10.99 -4.28 -27.03
CA ARG A 60 11.73 -3.10 -27.45
C ARG A 60 11.52 -2.02 -26.40
N TYR A 61 12.62 -1.44 -25.92
CA TYR A 61 12.59 -0.48 -24.83
C TYR A 61 13.03 0.89 -25.32
N ASN A 62 12.50 1.92 -24.69
CA ASN A 62 12.98 3.27 -24.92
C ASN A 62 14.42 3.37 -24.45
N PRO A 63 15.36 3.80 -25.31
CA PRO A 63 16.77 3.83 -24.89
C PRO A 63 17.04 4.68 -23.66
N SER A 64 16.19 5.68 -23.38
CA SER A 64 16.37 6.50 -22.18
C SER A 64 16.07 5.73 -20.90
N LEU A 65 15.53 4.51 -21.00
CA LEU A 65 15.19 3.70 -19.85
C LEU A 65 15.56 2.23 -20.02
N SER A 66 16.13 1.84 -21.17
CA SER A 66 16.27 0.43 -21.51
C SER A 66 17.09 -0.34 -20.50
N SER A 67 18.07 0.31 -19.87
CA SER A 67 18.93 -0.38 -18.92
C SER A 67 18.18 -0.80 -17.65
N ARG A 68 17.03 -0.20 -17.38
CA ARG A 68 16.28 -0.47 -16.16
C ARG A 68 14.94 -1.15 -16.40
N VAL A 69 14.55 -1.38 -17.66
CA VAL A 69 13.21 -1.80 -18.00
C VAL A 69 13.21 -3.28 -18.39
N THR A 70 12.23 -4.02 -17.86
CA THR A 70 11.95 -5.38 -18.28
C THR A 70 10.45 -5.52 -18.49
N ILE A 71 10.06 -6.11 -19.61
CA ILE A 71 8.66 -6.35 -19.94
C ILE A 71 8.51 -7.82 -20.30
N SER A 72 7.57 -8.50 -19.62
CA SER A 72 7.36 -9.92 -19.79
C SER A 72 5.88 -10.16 -20.06
N ARG A 73 5.55 -11.43 -20.33
CA ARG A 73 4.20 -11.81 -20.75
C ARG A 73 3.82 -13.16 -20.16
N ASN A 74 2.56 -13.30 -19.78
CA ASN A 74 2.00 -14.56 -19.30
C ASN A 74 0.74 -14.81 -20.12
N ILE A 75 0.86 -15.66 -21.15
CA ILE A 75 -0.23 -15.84 -22.11
C ILE A 75 -1.40 -16.56 -21.47
N HIS A 76 -1.12 -17.59 -20.66
CA HIS A 76 -2.19 -18.36 -20.04
C HIS A 76 -3.01 -17.50 -19.09
N GLU A 77 -2.35 -16.68 -18.27
CA GLU A 77 -3.06 -15.78 -17.38
C GLU A 77 -3.56 -14.52 -18.07
N ARG A 78 -3.22 -14.32 -19.34
CA ARG A 78 -3.66 -13.16 -20.12
C ARG A 78 -3.22 -11.86 -19.46
N GLN A 79 -1.94 -11.81 -19.10
CA GLN A 79 -1.34 -10.66 -18.43
C GLN A 79 0.06 -10.42 -18.98
N PHE A 80 0.47 -9.15 -19.01
CA PHE A 80 1.85 -8.78 -19.25
C PHE A 80 2.30 -7.78 -18.19
N TYR A 81 3.61 -7.72 -17.97
CA TYR A 81 4.15 -7.09 -16.78
C TYR A 81 5.22 -6.07 -17.14
N LEU A 82 5.49 -5.17 -16.20
CA LEU A 82 6.56 -4.20 -16.29
C LEU A 82 7.36 -4.23 -15.00
N ARG A 83 8.68 -4.26 -15.12
CA ARG A 83 9.58 -4.13 -13.98
C ARG A 83 10.55 -3.00 -14.27
N LEU A 84 10.58 -2.00 -13.39
CA LEU A 84 11.44 -0.84 -13.52
C LEU A 84 12.43 -0.83 -12.36
N THR A 85 13.71 -0.73 -12.68
CA THR A 85 14.79 -0.90 -11.72
C THR A 85 15.31 0.46 -11.24
N SER A 86 15.69 0.51 -9.96
CA SER A 86 16.31 1.69 -9.34
C SER A 86 15.39 2.91 -9.44
N MET A 87 14.26 2.82 -8.74
CA MET A 87 13.27 3.88 -8.78
C MET A 87 13.77 5.11 -8.06
N THR A 88 13.71 6.27 -8.72
CA THR A 88 14.07 7.54 -8.15
C THR A 88 12.86 8.47 -8.19
N ALA A 89 13.00 9.64 -7.57
CA ALA A 89 11.92 10.60 -7.56
C ALA A 89 11.55 11.05 -8.97
N ALA A 90 12.51 10.98 -9.91
CA ALA A 90 12.22 11.34 -11.29
C ALA A 90 11.29 10.36 -11.98
N ASP A 91 11.01 9.21 -11.37
CA ASP A 91 10.14 8.20 -11.95
C ASP A 91 8.71 8.29 -11.43
N THR A 92 8.41 9.32 -10.62
CA THR A 92 7.04 9.52 -10.15
C THR A 92 6.15 9.95 -11.30
N ALA A 93 5.17 9.12 -11.63
CA ALA A 93 4.29 9.39 -12.76
C ALA A 93 3.10 8.45 -12.67
N VAL A 94 2.15 8.66 -13.59
CA VAL A 94 1.05 7.73 -13.80
C VAL A 94 1.46 6.78 -14.92
N TYR A 95 1.39 5.48 -14.65
CA TYR A 95 1.84 4.45 -15.58
C TYR A 95 0.63 3.76 -16.20
N TYR A 96 0.62 3.70 -17.53
CA TYR A 96 -0.44 3.05 -18.27
C TYR A 96 0.09 1.85 -19.04
N CYS A 97 -0.78 0.87 -19.25
CA CYS A 97 -0.56 -0.13 -20.28
C CYS A 97 -1.48 0.16 -21.46
N ALA A 98 -1.07 -0.29 -22.64
CA ALA A 98 -1.81 0.02 -23.85
C ALA A 98 -1.62 -1.09 -24.87
N ARG A 99 -2.45 -1.06 -25.90
CA ARG A 99 -2.41 -2.03 -26.99
C ARG A 99 -2.61 -1.32 -28.31
N HIS A 100 -1.84 -1.75 -29.32
CA HIS A 100 -2.08 -1.33 -30.70
C HIS A 100 -1.70 -2.48 -31.61
N CYS A 101 -2.20 -2.42 -32.84
CA CYS A 101 -2.01 -3.48 -33.83
C CYS A 101 -1.26 -2.92 -35.03
N GLU A 102 -0.35 -3.74 -35.58
CA GLU A 102 0.41 -3.38 -36.78
C GLU A 102 0.19 -4.47 -37.83
N ASP A 103 -1.04 -4.55 -38.34
CA ASP A 103 -1.39 -5.55 -39.34
C ASP A 103 -1.19 -4.93 -40.73
N ASP A 104 0.08 -4.87 -41.13
CA ASP A 104 0.43 -4.25 -42.40
C ASP A 104 -0.13 -5.06 -43.58
N TYR A 105 0.12 -6.36 -43.59
CA TYR A 105 -0.45 -7.26 -44.58
C TYR A 105 -1.73 -7.88 -44.04
N GLY A 106 -2.73 -7.98 -44.89
CA GLY A 106 -4.06 -8.45 -44.49
C GLY A 106 -4.08 -9.81 -43.82
N TYR A 107 -4.15 -9.82 -42.48
CA TYR A 107 -4.26 -11.06 -41.72
C TYR A 107 -5.58 -11.17 -40.98
N TYR A 108 -6.22 -10.06 -40.64
CA TYR A 108 -7.53 -10.05 -40.01
C TYR A 108 -8.57 -9.60 -41.03
N SER A 109 -9.73 -10.26 -41.00
CA SER A 109 -10.82 -9.90 -41.90
C SER A 109 -11.32 -8.48 -41.64
N ALA A 110 -11.46 -8.11 -40.37
CA ALA A 110 -11.84 -6.76 -39.99
C ALA A 110 -10.59 -5.92 -39.78
N ALA A 111 -10.67 -4.65 -40.21
CA ALA A 111 -9.53 -3.76 -40.09
C ALA A 111 -9.24 -3.45 -38.63
N GLN A 112 -7.97 -3.53 -38.25
CA GLN A 112 -7.53 -3.27 -36.89
C GLN A 112 -7.03 -1.82 -36.79
N SER A 113 -6.64 -1.43 -35.59
CA SER A 113 -6.25 -0.05 -35.28
C SER A 113 -4.74 0.03 -35.10
N TYR A 114 -4.11 0.91 -35.88
CA TYR A 114 -2.68 1.14 -35.74
C TYR A 114 -2.33 1.99 -34.53
N GLY A 115 -3.31 2.66 -33.92
CA GLY A 115 -3.08 3.48 -32.76
C GLY A 115 -3.43 2.76 -31.48
N LEU A 116 -2.93 3.30 -30.37
CA LEU A 116 -3.18 2.75 -29.05
C LEU A 116 -4.66 2.90 -28.69
N ASP A 117 -5.47 1.91 -29.06
CA ASP A 117 -6.91 2.01 -28.92
C ASP A 117 -7.41 1.60 -27.54
N SER A 118 -6.67 0.77 -26.82
CA SER A 118 -7.07 0.30 -25.50
C SER A 118 -6.02 0.69 -24.48
N TRP A 119 -6.45 1.36 -23.42
CA TRP A 119 -5.56 1.80 -22.35
C TRP A 119 -6.07 1.32 -21.01
N GLY A 120 -5.14 1.03 -20.10
CA GLY A 120 -5.50 0.79 -18.72
C GLY A 120 -5.88 2.08 -18.02
N GLN A 121 -6.42 1.94 -16.81
CA GLN A 121 -6.88 3.11 -16.08
C GLN A 121 -5.73 3.94 -15.51
N GLY A 122 -4.51 3.42 -15.52
CA GLY A 122 -3.38 4.16 -15.01
C GLY A 122 -3.21 4.03 -13.51
N ILE A 123 -1.96 3.92 -13.06
CA ILE A 123 -1.63 3.80 -11.64
C ILE A 123 -0.65 4.90 -11.29
N ALA A 124 -1.00 5.72 -10.30
CA ALA A 124 -0.12 6.78 -9.83
C ALA A 124 0.97 6.17 -8.95
N VAL A 125 2.22 6.36 -9.35
CA VAL A 125 3.38 5.79 -8.66
C VAL A 125 4.21 6.93 -8.11
N THR A 126 4.41 6.95 -6.79
CA THR A 126 5.20 7.97 -6.13
C THR A 126 6.42 7.31 -5.48
N VAL A 127 7.59 7.92 -5.67
CA VAL A 127 8.84 7.44 -5.08
C VAL A 127 9.19 8.39 -3.94
N SER A 128 9.03 7.91 -2.71
CA SER A 128 9.27 8.74 -1.54
C SER A 128 9.74 7.85 -0.39
N PRO A 129 10.56 8.38 0.51
CA PRO A 129 10.93 7.60 1.69
C PRO A 129 9.77 7.49 2.66
N SER A 130 9.66 6.35 3.32
CA SER A 130 8.58 6.13 4.28
C SER A 130 9.14 5.97 5.68
N THR A 131 10.00 6.90 6.10
CA THR A 131 10.58 6.89 7.44
C THR A 131 9.70 7.71 8.38
N LYS A 132 9.37 7.13 9.54
CA LYS A 132 8.50 7.78 10.49
C LYS A 132 8.95 7.47 11.91
N GLY A 133 8.99 8.50 12.75
CA GLY A 133 9.28 8.33 14.16
C GLY A 133 8.05 7.83 14.91
N PRO A 134 8.27 7.13 16.01
CA PRO A 134 7.16 6.50 16.72
C PRO A 134 6.46 7.45 17.68
N SER A 135 5.20 7.10 17.98
CA SER A 135 4.44 7.73 19.04
C SER A 135 4.49 6.82 20.26
N VAL A 136 4.80 7.40 21.42
CA VAL A 136 4.98 6.64 22.66
C VAL A 136 3.83 6.98 23.59
N PHE A 137 3.01 5.98 23.91
CA PHE A 137 1.86 6.16 24.79
C PHE A 137 2.03 5.31 26.05
N PRO A 138 1.58 5.80 27.20
CA PRO A 138 1.75 5.05 28.44
C PRO A 138 0.68 3.97 28.61
N LEU A 139 1.10 2.86 29.22
CA LEU A 139 0.20 1.78 29.62
C LEU A 139 0.12 1.83 31.14
N ALA A 140 -0.87 2.59 31.65
CA ALA A 140 -0.95 2.82 33.08
C ALA A 140 -1.55 1.60 33.78
N PRO A 141 -1.12 1.30 35.02
CA PRO A 141 -1.64 0.10 35.71
C PRO A 141 -3.15 0.03 35.78
N SER A 142 -3.81 1.16 36.04
CA SER A 142 -5.27 1.23 36.03
C SER A 142 -5.92 0.23 36.99
N GLY A 143 -0.30 -8.13 44.71
CA GLY A 143 0.78 -7.28 45.16
C GLY A 143 1.75 -6.89 44.05
N THR A 144 1.44 -7.31 42.82
CA THR A 144 2.27 -7.02 41.66
C THR A 144 1.46 -6.20 40.67
N ALA A 145 1.99 -5.04 40.29
CA ALA A 145 1.37 -4.17 39.31
C ALA A 145 2.17 -4.20 38.01
N ALA A 146 1.46 -4.08 36.89
CA ALA A 146 2.07 -4.09 35.58
C ALA A 146 1.85 -2.75 34.90
N LEU A 147 2.91 -2.23 34.28
CA LEU A 147 2.87 -0.98 33.55
C LEU A 147 3.77 -1.10 32.33
N GLY A 148 3.62 -0.15 31.40
CA GLY A 148 4.44 -0.19 30.21
C GLY A 148 4.18 1.03 29.35
N CYS A 149 4.73 0.99 28.13
CA CYS A 149 4.52 2.06 27.17
C CYS A 149 4.41 1.44 25.78
N LEU A 150 3.52 2.02 24.97
CA LEU A 150 3.21 1.51 23.64
C LEU A 150 3.94 2.36 22.60
N VAL A 151 4.77 1.71 21.79
CA VAL A 151 5.56 2.37 20.76
C VAL A 151 4.89 2.06 19.43
N LYS A 152 4.16 3.03 18.88
CA LYS A 152 3.25 2.78 17.78
C LYS A 152 3.61 3.63 16.56
N ASP A 153 3.40 3.06 15.37
CA ASP A 153 3.52 3.74 14.09
C ASP A 153 4.91 4.29 13.81
N TYR A 154 5.88 3.41 13.62
CA TYR A 154 7.23 3.80 13.24
C TYR A 154 7.70 2.93 12.08
N PHE A 155 8.71 3.43 11.37
CA PHE A 155 9.28 2.72 10.23
C PHE A 155 10.63 3.34 9.89
N PRO A 156 11.66 2.53 9.62
CA PRO A 156 11.62 1.07 9.72
C PRO A 156 12.09 0.56 11.08
N GLU A 157 12.25 -0.75 11.20
CA GLU A 157 12.84 -1.32 12.39
C GLU A 157 14.32 -0.95 12.46
N PRO A 158 14.92 -0.92 13.66
CA PRO A 158 14.27 -1.21 14.95
C PRO A 158 14.13 0.01 15.87
N VAL A 159 13.41 -0.18 16.96
CA VAL A 159 13.43 0.74 18.09
C VAL A 159 14.01 -0.02 19.28
N THR A 160 14.62 0.73 20.19
CA THR A 160 15.14 0.18 21.43
C THR A 160 14.40 0.82 22.59
N VAL A 161 14.04 0.01 23.59
CA VAL A 161 13.30 0.47 24.75
C VAL A 161 14.07 0.07 26.00
N SER A 162 14.38 1.04 26.85
CA SER A 162 14.93 0.82 28.17
C SER A 162 14.02 1.47 29.20
N TRP A 163 14.25 1.14 30.46
CA TRP A 163 13.43 1.63 31.56
C TRP A 163 14.32 2.31 32.60
N ASN A 164 13.97 3.55 32.95
CA ASN A 164 14.73 4.36 33.90
C ASN A 164 16.20 4.43 33.51
N SER A 165 16.43 4.71 32.23
CA SER A 165 17.78 4.87 31.67
C SER A 165 18.62 3.60 31.85
N GLY A 166 17.98 2.44 31.91
CA GLY A 166 18.66 1.17 32.02
C GLY A 166 18.79 0.64 33.44
N ALA A 167 18.43 1.42 34.45
CA ALA A 167 18.53 0.94 35.82
C ALA A 167 17.48 -0.10 36.15
N LEU A 168 16.41 -0.18 35.36
CA LEU A 168 15.33 -1.14 35.57
C LEU A 168 15.38 -2.18 34.45
N THR A 169 15.82 -3.39 34.80
CA THR A 169 15.90 -4.48 33.84
C THR A 169 15.12 -5.72 34.26
N SER A 170 14.98 -5.98 35.55
CA SER A 170 14.28 -7.18 36.01
C SER A 170 12.78 -7.01 35.84
N GLY A 171 12.14 -8.04 35.28
CA GLY A 171 10.71 -8.00 35.03
C GLY A 171 10.31 -7.31 33.75
N VAL A 172 11.25 -6.97 32.89
CA VAL A 172 10.97 -6.23 31.66
C VAL A 172 10.71 -7.22 30.54
N HIS A 173 9.63 -7.00 29.78
CA HIS A 173 9.32 -7.78 28.60
C HIS A 173 9.08 -6.81 27.45
N THR A 174 10.01 -6.75 26.51
CA THR A 174 9.88 -5.95 25.30
C THR A 174 9.48 -6.89 24.17
N PHE A 175 8.28 -6.73 23.65
CA PHE A 175 7.73 -7.69 22.70
C PHE A 175 8.27 -7.44 21.29
N PRO A 176 8.29 -8.48 20.45
CA PRO A 176 8.66 -8.28 19.05
C PRO A 176 7.70 -7.32 18.35
N ALA A 177 8.23 -6.57 17.40
CA ALA A 177 7.41 -5.61 16.67
C ALA A 177 6.44 -6.34 15.75
N VAL A 178 5.23 -5.80 15.64
CA VAL A 178 4.22 -6.34 14.73
C VAL A 178 4.05 -5.36 13.57
N LEU A 179 3.98 -5.90 12.36
CA LEU A 179 3.75 -5.09 11.18
C LEU A 179 2.25 -4.90 11.02
N GLN A 180 1.78 -3.67 11.19
CA GLN A 180 0.35 -3.39 11.09
C GLN A 180 -0.06 -3.29 9.62
N SER A 181 -1.39 -3.30 9.41
CA SER A 181 -1.93 -3.24 8.05
C SER A 181 -1.59 -1.93 7.35
N SER A 182 -1.21 -0.89 8.10
CA SER A 182 -0.83 0.39 7.53
C SER A 182 0.58 0.40 6.98
N GLY A 183 1.35 -0.68 7.18
CA GLY A 183 2.74 -0.71 6.79
C GLY A 183 3.70 -0.19 7.84
N LEU A 184 3.20 0.24 9.00
CA LEU A 184 4.01 0.73 10.09
C LEU A 184 4.11 -0.31 11.20
N TYR A 185 5.18 -0.22 11.97
CA TYR A 185 5.45 -1.17 13.05
C TYR A 185 4.96 -0.63 14.38
N SER A 186 4.72 -1.57 15.30
CA SER A 186 4.26 -1.24 16.65
C SER A 186 4.71 -2.35 17.59
N LEU A 187 5.09 -1.96 18.80
CA LEU A 187 5.42 -2.92 19.84
C LEU A 187 5.05 -2.36 21.20
N SER A 188 5.08 -3.24 22.20
CA SER A 188 4.84 -2.86 23.58
C SER A 188 6.00 -3.36 24.44
N SER A 189 6.31 -2.59 25.47
CA SER A 189 7.30 -2.97 26.47
C SER A 189 6.65 -2.83 27.84
N VAL A 190 6.60 -3.91 28.59
CA VAL A 190 5.94 -3.92 29.90
C VAL A 190 6.95 -4.30 30.97
N VAL A 191 6.61 -3.95 32.20
CA VAL A 191 7.43 -4.30 33.36
C VAL A 191 6.50 -4.51 34.55
N THR A 192 6.79 -5.54 35.35
CA THR A 192 6.03 -5.82 36.56
C THR A 192 6.81 -5.33 37.76
N VAL A 193 6.13 -4.60 38.65
CA VAL A 193 6.74 -3.99 39.82
C VAL A 193 5.86 -4.24 41.03
N PRO A 194 6.44 -4.18 42.23
CA PRO A 194 5.60 -4.24 43.44
C PRO A 194 4.64 -3.06 43.49
N SER A 195 3.41 -3.35 43.89
CA SER A 195 2.36 -2.33 43.92
C SER A 195 2.69 -1.20 44.88
N SER A 196 3.48 -1.49 45.92
CA SER A 196 3.85 -0.45 46.88
C SER A 196 4.74 0.61 46.23
N SER A 197 5.45 0.25 45.16
CA SER A 197 6.35 1.19 44.49
C SER A 197 5.61 2.20 43.63
N LEU A 198 4.34 1.97 43.31
CA LEU A 198 3.59 2.91 42.50
C LEU A 198 3.38 4.22 43.26
N GLY A 199 3.50 5.33 42.54
CA GLY A 199 3.36 6.64 43.13
C GLY A 199 4.58 7.13 43.88
N THR A 200 5.45 6.24 44.33
CA THR A 200 6.69 6.60 45.03
C THR A 200 7.92 6.46 44.16
N GLN A 201 8.03 5.38 43.39
CA GLN A 201 9.12 5.17 42.45
C GLN A 201 8.69 5.63 41.06
N THR A 202 9.57 6.33 40.37
CA THR A 202 9.27 6.86 39.04
C THR A 202 9.69 5.85 37.97
N TYR A 203 8.79 5.60 37.02
CA TYR A 203 9.03 4.67 35.93
C TYR A 203 8.96 5.44 34.61
N ILE A 204 10.10 5.52 33.92
CA ILE A 204 10.21 6.21 32.64
C ILE A 204 10.75 5.24 31.61
N CYS A 205 10.07 5.11 30.49
CA CYS A 205 10.51 4.25 29.40
C CYS A 205 11.19 5.13 28.34
N ASN A 206 12.40 4.73 27.94
CA ASN A 206 13.22 5.50 27.02
C ASN A 206 13.25 4.79 25.67
N VAL A 207 12.73 5.47 24.63
CA VAL A 207 12.56 4.89 23.31
C VAL A 207 13.50 5.60 22.34
N ASN A 208 14.29 4.82 21.61
CA ASN A 208 15.21 5.33 20.59
C ASN A 208 14.86 4.74 19.24
N HIS A 209 14.72 5.60 18.24
CA HIS A 209 14.50 5.18 16.86
C HIS A 209 15.59 5.86 16.03
N LYS A 210 16.72 5.19 15.88
CA LYS A 210 17.85 5.78 15.15
C LYS A 210 17.55 6.07 13.68
N PRO A 211 16.76 5.26 12.95
CA PRO A 211 16.47 5.63 11.55
C PRO A 211 15.86 7.01 11.39
N SER A 212 15.09 7.49 12.37
CA SER A 212 14.49 8.82 12.30
C SER A 212 15.11 9.79 13.31
N ASN A 213 16.17 9.38 14.00
CA ASN A 213 16.83 10.19 15.02
C ASN A 213 15.83 10.68 16.06
N THR A 214 15.04 9.75 16.58
CA THR A 214 13.98 10.04 17.52
C THR A 214 14.34 9.46 18.89
N LYS A 215 14.27 10.30 19.91
CA LYS A 215 14.50 9.88 21.29
C LYS A 215 13.36 10.42 22.14
N VAL A 216 12.62 9.51 22.79
CA VAL A 216 11.45 9.88 23.58
C VAL A 216 11.62 9.32 24.99
N ASP A 217 11.24 10.12 25.99
CA ASP A 217 11.21 9.72 27.38
C ASP A 217 9.78 9.91 27.87
N LYS A 218 9.11 8.81 28.21
CA LYS A 218 7.70 8.83 28.60
C LYS A 218 7.60 8.34 30.04
N ARG A 219 7.07 9.18 30.93
CA ARG A 219 6.79 8.75 32.29
C ARG A 219 5.45 8.05 32.32
N VAL A 220 5.40 6.89 32.99
CA VAL A 220 4.22 6.06 33.08
C VAL A 220 3.75 6.09 34.52
N GLU A 221 2.63 6.74 34.78
CA GLU A 221 2.03 6.82 36.09
C GLU A 221 0.59 6.35 36.02
N PRO A 222 0.10 5.69 37.06
CA PRO A 222 -1.31 5.25 37.08
C PRO A 222 -2.26 6.43 36.93
N LYS A 223 -3.06 6.40 35.87
CA LYS A 223 -4.00 7.47 35.57
C LYS A 223 -5.29 6.92 34.96
N ASP B 1 13.82 7.72 -32.62
CA ASP B 1 14.21 8.91 -31.89
C ASP B 1 13.80 10.16 -32.65
N ILE B 2 12.58 10.11 -33.20
CA ILE B 2 12.06 11.22 -34.00
C ILE B 2 11.45 12.26 -33.07
N GLN B 3 11.88 13.51 -33.22
CA GLN B 3 11.31 14.60 -32.45
C GLN B 3 9.95 14.99 -33.01
N MET B 4 9.08 15.47 -32.12
CA MET B 4 7.73 15.87 -32.50
C MET B 4 7.38 17.18 -31.81
N THR B 5 6.94 18.16 -32.61
CA THR B 5 6.55 19.47 -32.11
C THR B 5 5.12 19.76 -32.51
N GLN B 6 4.29 20.11 -31.53
CA GLN B 6 2.90 20.47 -31.78
C GLN B 6 2.72 21.98 -31.69
N SER B 7 1.88 22.52 -32.57
CA SER B 7 1.58 23.94 -32.60
C SER B 7 0.08 24.12 -32.82
N PRO B 8 -0.60 24.94 -32.01
CA PRO B 8 0.01 25.66 -30.87
C PRO B 8 0.12 24.77 -29.63
N SER B 9 0.75 25.30 -28.58
CA SER B 9 0.80 24.56 -27.32
C SER B 9 -0.48 24.73 -26.52
N SER B 10 -1.14 25.87 -26.65
CA SER B 10 -2.42 26.13 -26.00
C SER B 10 -3.36 26.79 -27.01
N LEU B 11 -4.65 26.52 -26.85
CA LEU B 11 -5.64 26.95 -27.81
C LEU B 11 -6.97 27.15 -27.12
N SER B 12 -7.67 28.21 -27.49
CA SER B 12 -8.98 28.51 -26.93
C SER B 12 -9.86 29.08 -28.03
N ALA B 13 -11.04 28.47 -28.24
CA ALA B 13 -11.93 28.87 -29.32
C ALA B 13 -13.37 28.73 -28.85
N SER B 14 -14.28 29.27 -29.66
CA SER B 14 -15.71 29.24 -29.35
C SER B 14 -16.35 28.01 -29.97
N VAL B 15 -17.56 27.70 -29.49
CA VAL B 15 -18.32 26.58 -30.04
C VAL B 15 -18.67 26.88 -31.48
N GLY B 16 -18.39 25.92 -32.37
CA GLY B 16 -18.62 26.08 -33.79
C GLY B 16 -17.42 26.55 -34.57
N ASP B 17 -16.34 26.96 -33.91
CA ASP B 17 -15.15 27.41 -34.62
C ASP B 17 -14.43 26.23 -35.26
N ARG B 18 -13.60 26.55 -36.25
CA ARG B 18 -12.75 25.56 -36.89
C ARG B 18 -11.38 25.58 -36.23
N VAL B 19 -10.92 24.41 -35.78
CA VAL B 19 -9.69 24.28 -35.02
C VAL B 19 -8.74 23.38 -35.79
N THR B 20 -7.51 23.84 -35.99
CA THR B 20 -6.46 23.08 -36.65
C THR B 20 -5.26 22.98 -35.73
N ILE B 21 -4.73 21.77 -35.56
CA ILE B 21 -3.56 21.52 -34.74
C ILE B 21 -2.50 20.84 -35.61
N THR B 22 -1.29 21.38 -35.60
CA THR B 22 -0.23 20.93 -36.47
C THR B 22 0.80 20.12 -35.67
N CYS B 23 1.22 19.00 -36.24
CA CYS B 23 2.23 18.13 -35.65
C CYS B 23 3.37 17.98 -36.65
N ARG B 24 4.56 18.45 -36.27
CA ARG B 24 5.74 18.37 -37.13
C ARG B 24 6.72 17.36 -36.54
N THR B 25 7.20 16.46 -37.39
CA THR B 25 8.18 15.46 -36.99
C THR B 25 9.54 15.81 -37.60
N SER B 26 10.60 15.52 -36.85
CA SER B 26 11.95 15.84 -37.33
C SER B 26 12.33 15.02 -38.55
N GLU B 27 11.72 13.85 -38.75
CA GLU B 27 12.01 13.01 -39.90
C GLU B 27 10.70 12.49 -40.48
N ASN B 28 10.76 12.01 -41.72
CA ASN B 28 9.58 11.45 -42.36
C ASN B 28 9.12 10.21 -41.61
N VAL B 29 7.85 10.21 -41.18
CA VAL B 29 7.25 9.09 -40.47
C VAL B 29 6.29 8.28 -41.34
N ASN B 30 6.15 8.64 -42.62
CA ASN B 30 5.40 7.85 -43.61
C ASN B 30 3.98 7.55 -43.14
N ASN B 31 3.26 8.62 -42.78
CA ASN B 31 1.84 8.58 -42.40
C ASN B 31 1.57 7.71 -41.18
N CYS B 32 2.61 7.22 -40.50
CA CYS B 32 2.44 6.45 -39.27
C CYS B 32 2.30 7.42 -38.10
N LEU B 33 1.12 8.04 -38.02
CA LEU B 33 0.85 9.08 -37.03
C LEU B 33 -0.57 8.94 -36.51
N ASN B 34 -0.72 9.08 -35.20
CA ASN B 34 -2.01 8.92 -34.52
C ASN B 34 -2.31 10.15 -33.68
N TRP B 35 -3.59 10.41 -33.45
CA TRP B 35 -4.04 11.55 -32.66
C TRP B 35 -4.86 11.07 -31.47
N TYR B 36 -4.61 11.66 -30.31
CA TYR B 36 -5.28 11.28 -29.08
C TYR B 36 -5.88 12.52 -28.40
N GLN B 37 -6.98 12.30 -27.69
CA GLN B 37 -7.59 13.32 -26.84
C GLN B 37 -7.57 12.81 -25.41
N GLN B 38 -6.96 13.59 -24.51
CA GLN B 38 -6.86 13.23 -23.11
C GLN B 38 -7.58 14.27 -22.27
N LYS B 39 -8.56 13.82 -21.48
CA LYS B 39 -9.22 14.64 -20.48
C LYS B 39 -8.59 14.42 -19.11
N PRO B 40 -8.63 15.41 -18.22
CA PRO B 40 -7.90 15.31 -16.95
C PRO B 40 -8.32 14.08 -16.16
N GLY B 41 -7.31 13.38 -15.62
CA GLY B 41 -7.53 12.20 -14.82
C GLY B 41 -7.84 10.94 -15.60
N LYS B 42 -7.88 11.01 -16.92
CA LYS B 42 -8.22 9.88 -17.78
C LYS B 42 -7.04 9.51 -18.65
N ALA B 43 -7.11 8.31 -19.23
CA ALA B 43 -6.13 7.88 -20.20
C ALA B 43 -6.44 8.50 -21.56
N PRO B 44 -5.42 8.70 -22.39
CA PRO B 44 -5.67 9.26 -23.74
C PRO B 44 -6.59 8.35 -24.54
N LYS B 45 -7.53 8.97 -25.25
CA LYS B 45 -8.48 8.28 -26.10
C LYS B 45 -8.07 8.47 -27.56
N LEU B 46 -7.95 7.36 -28.29
CA LEU B 46 -7.52 7.41 -29.67
C LEU B 46 -8.61 8.04 -30.54
N LEU B 47 -8.23 9.06 -31.31
CA LEU B 47 -9.15 9.72 -32.24
C LEU B 47 -8.90 9.29 -33.68
N ILE B 48 -7.67 9.48 -34.17
CA ILE B 48 -7.29 9.18 -35.53
C ILE B 48 -6.06 8.29 -35.52
N TYR B 49 -6.01 7.32 -36.41
CA TYR B 49 -4.81 6.51 -36.61
C TYR B 49 -4.51 6.44 -38.10
N ARG B 50 -3.24 6.20 -38.42
CA ARG B 50 -2.76 6.17 -39.80
C ARG B 50 -3.11 7.46 -40.52
N THR B 51 -2.80 8.58 -39.86
CA THR B 51 -2.97 9.94 -40.37
C THR B 51 -4.44 10.37 -40.49
N SER B 52 -5.29 9.55 -41.08
CA SER B 52 -6.62 10.01 -41.47
C SER B 52 -7.78 9.09 -41.10
N THR B 53 -7.53 7.90 -40.57
CA THR B 53 -8.60 6.95 -40.29
C THR B 53 -9.19 7.23 -38.91
N LEU B 54 -10.49 7.50 -38.88
CA LEU B 54 -11.18 7.71 -37.61
C LEU B 54 -11.38 6.40 -36.86
N GLN B 55 -11.23 6.46 -35.54
CA GLN B 55 -11.52 5.30 -34.72
C GLN B 55 -13.03 5.11 -34.59
N ARG B 56 -13.44 3.89 -34.27
CA ARG B 56 -14.85 3.58 -34.09
C ARG B 56 -15.44 4.42 -32.97
N GLY B 57 -16.55 5.09 -33.25
CA GLY B 57 -17.22 5.92 -32.28
C GLY B 57 -16.76 7.35 -32.19
N VAL B 58 -15.79 7.75 -33.01
CA VAL B 58 -15.28 9.12 -33.01
C VAL B 58 -16.15 9.95 -33.95
N PRO B 59 -16.68 11.09 -33.50
CA PRO B 59 -17.54 11.89 -34.38
C PRO B 59 -16.79 12.38 -35.61
N SER B 60 -17.54 12.59 -36.69
CA SER B 60 -16.98 12.89 -38.00
C SER B 60 -16.37 14.29 -38.07
N ARG B 61 -16.65 15.17 -37.11
CA ARG B 61 -16.05 16.50 -37.16
C ARG B 61 -14.54 16.47 -36.94
N PHE B 62 -13.99 15.35 -36.47
CA PHE B 62 -12.55 15.17 -36.38
C PHE B 62 -12.03 14.59 -37.69
N SER B 63 -11.00 15.21 -38.24
CA SER B 63 -10.35 14.73 -39.46
C SER B 63 -8.85 14.95 -39.34
N GLY B 64 -8.11 14.11 -40.04
CA GLY B 64 -6.65 14.20 -40.03
C GLY B 64 -6.09 14.13 -41.43
N THR B 65 -5.09 14.96 -41.69
CA THR B 65 -4.43 15.00 -42.98
C THR B 65 -2.93 15.12 -42.75
N GLY B 66 -2.18 15.08 -43.86
CA GLY B 66 -0.75 15.31 -43.83
C GLY B 66 0.03 14.15 -44.41
N SER B 67 1.33 14.37 -44.51
CA SER B 67 2.28 13.37 -45.01
C SER B 67 3.68 13.87 -44.69
N GLY B 68 4.65 12.96 -44.82
CA GLY B 68 6.03 13.31 -44.56
C GLY B 68 6.30 13.75 -43.14
N THR B 69 6.54 15.04 -42.95
CA THR B 69 6.83 15.61 -41.64
C THR B 69 5.78 16.61 -41.19
N ASP B 70 4.66 16.72 -41.91
CA ASP B 70 3.64 17.74 -41.65
C ASP B 70 2.29 17.05 -41.56
N TYR B 71 1.65 17.13 -40.39
CA TYR B 71 0.37 16.49 -40.16
C TYR B 71 -0.56 17.46 -39.42
N THR B 72 -1.86 17.27 -39.63
CA THR B 72 -2.85 18.22 -39.14
C THR B 72 -4.05 17.47 -38.58
N LEU B 73 -4.50 17.88 -37.40
CA LEU B 73 -5.78 17.45 -36.84
C LEU B 73 -6.76 18.62 -36.94
N THR B 74 -7.95 18.35 -37.47
CA THR B 74 -8.92 19.40 -37.75
C THR B 74 -10.24 19.08 -37.06
N ILE B 75 -10.78 20.05 -36.33
CA ILE B 75 -12.11 19.98 -35.76
C ILE B 75 -12.96 21.01 -36.52
N SER B 76 -13.87 20.52 -37.36
CA SER B 76 -14.63 21.40 -38.24
C SER B 76 -15.56 22.33 -37.46
N SER B 77 -16.17 21.82 -36.39
CA SER B 77 -17.07 22.61 -35.55
C SER B 77 -16.80 22.23 -34.10
N LEU B 78 -16.11 23.10 -33.37
CA LEU B 78 -15.71 22.80 -32.00
C LEU B 78 -16.94 22.71 -31.10
N GLN B 79 -16.99 21.67 -30.28
CA GLN B 79 -18.09 21.45 -29.34
C GLN B 79 -17.59 21.56 -27.90
N SER B 80 -18.54 21.63 -26.97
CA SER B 80 -18.20 21.83 -25.57
C SER B 80 -17.36 20.67 -25.03
N GLU B 81 -17.70 19.45 -25.43
CA GLU B 81 -17.02 18.27 -24.92
C GLU B 81 -15.68 17.99 -25.58
N ASP B 82 -15.16 18.93 -26.37
CA ASP B 82 -13.89 18.74 -27.06
C ASP B 82 -12.70 19.29 -26.29
N PHE B 83 -12.91 19.74 -25.05
CA PHE B 83 -11.80 20.25 -24.25
C PHE B 83 -10.88 19.11 -23.84
N GLY B 84 -9.63 19.47 -23.56
CA GLY B 84 -8.63 18.52 -23.14
C GLY B 84 -7.31 18.80 -23.85
N THR B 85 -6.39 17.85 -23.72
CA THR B 85 -5.07 17.94 -24.33
C THR B 85 -4.99 16.95 -25.47
N TYR B 86 -4.58 17.43 -26.64
CA TYR B 86 -4.48 16.60 -27.84
C TYR B 86 -3.01 16.28 -28.11
N TYR B 87 -2.73 14.99 -28.34
CA TYR B 87 -1.38 14.51 -28.60
C TYR B 87 -1.31 13.84 -29.97
N CYS B 88 -0.23 14.09 -30.69
CA CYS B 88 0.13 13.28 -31.84
C CYS B 88 1.19 12.27 -31.43
N GLN B 89 1.24 11.16 -32.15
CA GLN B 89 2.14 10.07 -31.82
C GLN B 89 2.51 9.31 -33.09
N HIS B 90 3.80 9.11 -33.31
CA HIS B 90 4.29 8.36 -34.46
C HIS B 90 4.67 6.95 -34.04
N TYR B 91 4.51 6.00 -34.97
CA TYR B 91 4.94 4.62 -34.75
C TYR B 91 5.82 4.15 -35.91
N TYR B 92 6.54 5.07 -36.53
CA TYR B 92 7.50 4.72 -37.59
C TYR B 92 8.82 4.36 -36.93
N GLY B 93 9.00 3.08 -36.65
CA GLY B 93 10.15 2.63 -35.90
C GLY B 93 9.96 2.81 -34.41
N THR B 94 11.07 2.68 -33.69
CA THR B 94 11.11 2.83 -32.25
C THR B 94 12.25 3.77 -31.87
N PRO B 95 12.11 4.50 -30.75
CA PRO B 95 10.99 4.47 -29.78
C PRO B 95 9.73 5.19 -30.26
N LEU B 96 8.56 4.71 -29.83
CA LEU B 96 7.35 5.48 -30.05
C LEU B 96 7.45 6.80 -29.30
N THR B 97 7.00 7.87 -29.95
CA THR B 97 7.15 9.22 -29.43
C THR B 97 5.83 9.96 -29.53
N PHE B 98 5.54 10.75 -28.51
CA PHE B 98 4.36 11.61 -28.47
C PHE B 98 4.77 13.06 -28.63
N GLY B 99 3.85 13.87 -29.13
CA GLY B 99 4.05 15.31 -29.13
C GLY B 99 3.90 15.89 -27.74
N GLY B 100 4.30 17.16 -27.61
CA GLY B 100 4.19 17.83 -26.33
C GLY B 100 2.77 18.04 -25.85
N GLY B 101 1.82 18.07 -26.76
CA GLY B 101 0.43 18.24 -26.39
C GLY B 101 -0.08 19.63 -26.75
N THR B 102 -1.39 19.73 -26.94
CA THR B 102 -2.05 21.00 -27.21
C THR B 102 -3.32 21.06 -26.37
N MET B 103 -3.38 22.02 -25.45
CA MET B 103 -4.55 22.17 -24.59
C MET B 103 -5.62 22.98 -25.31
N VAL B 104 -6.85 22.50 -25.24
CA VAL B 104 -7.99 23.12 -25.91
C VAL B 104 -9.11 23.27 -24.88
N ASP B 105 -9.75 24.44 -24.87
CA ASP B 105 -10.96 24.64 -24.08
C ASP B 105 -11.82 25.70 -24.76
N ILE B 106 -13.03 25.87 -24.25
CA ILE B 106 -13.97 26.82 -24.84
C ILE B 106 -13.65 28.22 -24.35
N LYS B 107 -13.58 29.17 -25.28
CA LYS B 107 -13.24 30.55 -24.96
C LYS B 107 -14.44 31.29 -24.39
N ARG B 108 -14.18 32.14 -23.40
CA ARG B 108 -15.21 33.01 -22.85
C ARG B 108 -14.51 34.19 -22.18
N THR B 109 -15.32 35.16 -21.74
CA THR B 109 -14.78 36.32 -21.05
C THR B 109 -14.22 35.92 -19.68
N VAL B 110 -13.30 36.74 -19.19
CA VAL B 110 -12.66 36.46 -17.91
C VAL B 110 -13.68 36.55 -16.79
N ALA B 111 -13.71 35.55 -15.92
CA ALA B 111 -14.55 35.52 -14.74
C ALA B 111 -13.67 35.32 -13.51
N ALA B 112 -13.73 36.25 -12.58
CA ALA B 112 -12.93 36.15 -11.38
C ALA B 112 -13.52 35.09 -10.44
N PRO B 113 -12.67 34.38 -9.69
CA PRO B 113 -13.19 33.35 -8.79
C PRO B 113 -13.89 33.96 -7.58
N SER B 114 -14.94 33.29 -7.14
CA SER B 114 -15.59 33.61 -5.87
C SER B 114 -15.00 32.70 -4.81
N VAL B 115 -14.42 33.28 -3.77
CA VAL B 115 -13.62 32.54 -2.82
C VAL B 115 -14.43 32.32 -1.54
N PHE B 116 -14.40 31.09 -1.03
CA PHE B 116 -15.01 30.73 0.23
C PHE B 116 -14.02 29.88 1.02
N ILE B 117 -14.06 30.02 2.34
CA ILE B 117 -13.20 29.26 3.24
C ILE B 117 -14.08 28.52 4.24
N PHE B 118 -13.71 27.28 4.55
CA PHE B 118 -14.49 26.43 5.43
C PHE B 118 -13.61 25.94 6.57
N PRO B 119 -13.96 26.22 7.82
CA PRO B 119 -13.19 25.67 8.95
C PRO B 119 -13.45 24.18 9.08
N PRO B 120 -12.56 23.44 9.75
CA PRO B 120 -12.84 22.04 10.02
C PRO B 120 -14.00 21.89 10.98
N SER B 121 -14.84 20.89 10.73
CA SER B 121 -16.00 20.64 11.56
C SER B 121 -15.61 20.07 12.91
N ASP B 122 -16.51 20.19 13.88
CA ASP B 122 -16.27 19.60 15.19
C ASP B 122 -16.19 18.08 15.11
N GLU B 123 -16.93 17.47 14.18
CA GLU B 123 -16.90 16.02 14.03
C GLU B 123 -15.51 15.55 13.61
N GLN B 124 -14.87 16.26 12.67
CA GLN B 124 -13.53 15.87 12.24
C GLN B 124 -12.50 16.14 13.32
N LEU B 125 -12.69 17.21 14.10
CA LEU B 125 -11.73 17.52 15.17
C LEU B 125 -11.70 16.42 16.22
N LYS B 126 -12.83 15.73 16.43
CA LYS B 126 -12.81 14.58 17.33
C LYS B 126 -11.91 13.47 16.79
N SER B 127 -11.75 13.39 15.46
CA SER B 127 -10.95 12.34 14.83
C SER B 127 -9.45 12.60 14.89
N GLY B 128 -9.01 13.76 15.40
CA GLY B 128 -7.60 14.04 15.54
C GLY B 128 -6.94 14.68 14.34
N THR B 129 -7.70 15.01 13.29
CA THR B 129 -7.16 15.69 12.12
C THR B 129 -8.06 16.88 11.80
N ALA B 130 -7.49 17.86 11.08
CA ALA B 130 -8.20 19.08 10.75
C ALA B 130 -7.93 19.43 9.30
N SER B 131 -9.01 19.61 8.52
CA SER B 131 -8.91 19.98 7.11
C SER B 131 -9.58 21.33 6.92
N VAL B 132 -8.83 22.29 6.40
CA VAL B 132 -9.35 23.60 6.04
C VAL B 132 -9.51 23.64 4.53
N VAL B 133 -10.70 24.00 4.06
CA VAL B 133 -11.05 23.93 2.64
C VAL B 133 -11.26 25.33 2.12
N CYS B 134 -10.66 25.62 0.97
CA CYS B 134 -10.82 26.91 0.29
C CYS B 134 -11.39 26.66 -1.10
N LEU B 135 -12.48 27.33 -1.43
CA LEU B 135 -13.20 27.10 -2.68
C LEU B 135 -13.04 28.31 -3.60
N LEU B 136 -12.59 28.05 -4.84
CA LEU B 136 -12.56 29.03 -5.92
C LEU B 136 -13.62 28.62 -6.93
N ASN B 137 -14.70 29.38 -7.01
CA ASN B 137 -15.89 28.95 -7.72
C ASN B 137 -16.07 29.75 -9.01
N ASN B 138 -16.27 29.03 -10.12
CA ASN B 138 -16.72 29.59 -11.40
C ASN B 138 -15.81 30.73 -11.87
N PHE B 139 -14.61 30.35 -12.30
CA PHE B 139 -13.63 31.30 -12.80
C PHE B 139 -13.14 30.86 -14.17
N TYR B 140 -12.56 31.82 -14.90
CA TYR B 140 -11.95 31.58 -16.20
C TYR B 140 -10.96 32.69 -16.46
N PRO B 141 -9.78 32.41 -17.02
CA PRO B 141 -9.31 31.08 -17.44
C PRO B 141 -8.83 30.19 -16.30
N ARG B 142 -8.23 29.05 -16.67
CA ARG B 142 -7.92 28.00 -15.70
C ARG B 142 -6.82 28.43 -14.72
N GLU B 143 -5.85 29.21 -15.19
CA GLU B 143 -4.70 29.57 -14.36
C GLU B 143 -5.14 30.31 -13.10
N ALA B 144 -4.83 29.72 -11.95
CA ALA B 144 -5.15 30.31 -10.66
C ALA B 144 -4.12 29.84 -9.63
N LYS B 145 -3.87 30.67 -8.64
CA LYS B 145 -2.91 30.36 -7.58
C LYS B 145 -3.57 30.55 -6.23
N VAL B 146 -3.36 29.58 -5.33
CA VAL B 146 -3.91 29.59 -3.99
C VAL B 146 -2.76 29.45 -3.00
N GLN B 147 -2.73 30.33 -2.01
CA GLN B 147 -1.73 30.29 -0.96
C GLN B 147 -2.42 30.26 0.40
N TRP B 148 -1.89 29.42 1.29
CA TRP B 148 -2.40 29.30 2.65
C TRP B 148 -1.50 30.06 3.62
N LYS B 149 -2.12 30.75 4.56
CA LYS B 149 -1.41 31.49 5.59
C LYS B 149 -2.00 31.14 6.94
N VAL B 150 -1.17 30.63 7.85
CA VAL B 150 -1.57 30.29 9.20
C VAL B 150 -0.85 31.26 10.13
N ASP B 151 -1.61 32.15 10.76
CA ASP B 151 -1.05 33.26 11.54
C ASP B 151 -0.07 34.07 10.69
N ASN B 152 -0.49 34.37 9.47
CA ASN B 152 0.26 35.18 8.49
C ASN B 152 1.59 34.53 8.09
N ALA B 153 1.69 33.21 8.23
CA ALA B 153 2.87 32.47 7.81
C ALA B 153 2.54 31.64 6.59
N LEU B 154 3.31 31.81 5.52
CA LEU B 154 3.06 31.07 4.29
C LEU B 154 3.28 29.58 4.51
N GLN B 155 2.30 28.77 4.12
CA GLN B 155 2.37 27.34 4.26
C GLN B 155 2.90 26.69 3.00
N SER B 156 3.44 25.48 3.14
CA SER B 156 4.02 24.77 2.00
C SER B 156 4.03 23.29 2.29
N GLY B 157 3.63 22.49 1.31
CA GLY B 157 3.74 21.04 1.38
C GLY B 157 2.64 20.34 2.15
N ASN B 158 1.65 21.07 2.68
CA ASN B 158 0.58 20.46 3.47
C ASN B 158 -0.80 20.73 2.87
N SER B 159 -0.88 21.01 1.58
CA SER B 159 -2.15 21.28 0.93
C SER B 159 -2.23 20.54 -0.39
N GLN B 160 -3.45 20.21 -0.80
CA GLN B 160 -3.70 19.57 -2.08
C GLN B 160 -4.83 20.31 -2.80
N GLU B 161 -4.80 20.27 -4.12
CA GLU B 161 -5.77 20.96 -4.94
C GLU B 161 -6.47 20.00 -5.89
N SER B 162 -7.71 20.33 -6.21
CA SER B 162 -8.51 19.56 -7.16
C SER B 162 -9.37 20.54 -7.95
N VAL B 163 -9.42 20.34 -9.26
CA VAL B 163 -10.12 21.24 -10.16
C VAL B 163 -11.17 20.44 -10.93
N THR B 164 -12.34 21.04 -11.13
CA THR B 164 -13.36 20.44 -11.98
C THR B 164 -13.02 20.68 -13.44
N GLU B 165 -13.60 19.83 -14.30
CA GLU B 165 -13.47 20.04 -15.73
C GLU B 165 -14.28 21.26 -16.16
N GLN B 166 -14.00 21.75 -17.36
CA GLN B 166 -14.67 22.95 -17.85
C GLN B 166 -16.17 22.70 -17.97
N ASP B 167 -16.96 23.55 -17.32
CA ASP B 167 -18.40 23.36 -17.28
C ASP B 167 -19.01 23.49 -18.67
N SER B 168 -19.96 22.61 -18.97
CA SER B 168 -20.58 22.62 -20.29
C SER B 168 -21.51 23.81 -20.49
N LYS B 169 -21.93 24.46 -19.41
CA LYS B 169 -22.92 25.55 -19.51
C LYS B 169 -22.25 26.91 -19.57
N ASP B 170 -21.43 27.26 -18.58
CA ASP B 170 -20.82 28.58 -18.50
C ASP B 170 -19.33 28.59 -18.82
N SER B 171 -18.74 27.44 -19.15
CA SER B 171 -17.34 27.35 -19.58
C SER B 171 -16.36 27.83 -18.51
N THR B 172 -16.70 27.67 -17.24
CA THR B 172 -15.85 28.08 -16.14
C THR B 172 -15.22 26.87 -15.45
N TYR B 173 -14.30 27.14 -14.54
CA TYR B 173 -13.64 26.13 -13.73
C TYR B 173 -13.92 26.41 -12.26
N SER B 174 -13.82 25.35 -11.45
CA SER B 174 -13.89 25.46 -10.00
C SER B 174 -12.72 24.69 -9.39
N LEU B 175 -12.22 25.20 -8.26
CA LEU B 175 -11.03 24.64 -7.64
C LEU B 175 -11.20 24.62 -6.13
N SER B 176 -10.75 23.54 -5.51
CA SER B 176 -10.76 23.39 -4.06
C SER B 176 -9.34 23.14 -3.57
N SER B 177 -8.95 23.84 -2.52
CA SER B 177 -7.65 23.64 -1.87
C SER B 177 -7.89 23.24 -0.43
N THR B 178 -7.30 22.12 -0.02
CA THR B 178 -7.51 21.56 1.31
C THR B 178 -6.19 21.58 2.08
N LEU B 179 -6.16 22.35 3.17
CA LEU B 179 -5.01 22.39 4.07
C LEU B 179 -5.23 21.37 5.18
N THR B 180 -4.35 20.38 5.27
CA THR B 180 -4.50 19.28 6.23
C THR B 180 -3.45 19.42 7.33
N LEU B 181 -3.92 19.48 8.58
CA LEU B 181 -3.06 19.53 9.75
C LEU B 181 -3.54 18.52 10.77
N SER B 182 -2.67 18.21 11.73
CA SER B 182 -3.12 17.48 12.90
C SER B 182 -3.93 18.41 13.81
N LYS B 183 -4.75 17.82 14.68
CA LYS B 183 -5.53 18.65 15.59
C LYS B 183 -4.62 19.45 16.51
N ALA B 184 -3.50 18.86 16.94
CA ALA B 184 -2.57 19.55 17.82
C ALA B 184 -2.01 20.80 17.13
N ASP B 185 -1.57 20.66 15.88
CA ASP B 185 -1.07 21.81 15.13
C ASP B 185 -2.18 22.82 14.84
N TYR B 186 -3.40 22.34 14.57
CA TYR B 186 -4.51 23.23 14.30
C TYR B 186 -4.91 24.02 15.54
N GLU B 187 -4.76 23.43 16.73
CA GLU B 187 -5.21 24.08 17.94
C GLU B 187 -4.21 25.11 18.47
N LYS B 188 -2.97 25.08 18.02
CA LYS B 188 -1.95 26.02 18.48
C LYS B 188 -1.85 27.25 17.59
N HIS B 189 -2.86 27.53 16.77
CA HIS B 189 -2.88 28.70 15.91
C HIS B 189 -4.28 29.29 15.88
N LYS B 190 -4.34 30.56 15.48
CA LYS B 190 -5.57 31.34 15.55
C LYS B 190 -6.13 31.69 14.17
N VAL B 191 -5.35 32.37 13.34
CA VAL B 191 -5.84 32.87 12.06
C VAL B 191 -5.51 31.88 10.96
N TYR B 192 -6.51 31.55 10.15
CA TYR B 192 -6.34 30.68 8.98
C TYR B 192 -6.87 31.42 7.76
N ALA B 193 -6.00 31.65 6.78
CA ALA B 193 -6.33 32.49 5.65
C ALA B 193 -6.03 31.76 4.35
N CYS B 194 -6.82 32.09 3.33
CA CYS B 194 -6.64 31.59 1.98
C CYS B 194 -6.55 32.79 1.04
N GLU B 195 -5.40 32.95 0.39
CA GLU B 195 -5.18 34.06 -0.54
C GLU B 195 -5.20 33.53 -1.97
N VAL B 196 -5.94 34.23 -2.83
CA VAL B 196 -6.20 33.78 -4.19
C VAL B 196 -5.76 34.88 -5.15
N THR B 197 -4.97 34.51 -6.15
CA THR B 197 -4.58 35.40 -7.24
C THR B 197 -5.12 34.84 -8.54
N HIS B 198 -5.71 35.72 -9.35
CA HIS B 198 -6.29 35.34 -10.64
C HIS B 198 -6.37 36.60 -11.49
N GLN B 199 -6.16 36.44 -12.80
CA GLN B 199 -6.09 37.61 -13.67
C GLN B 199 -7.41 38.37 -13.73
N GLY B 200 -8.52 37.75 -13.32
CA GLY B 200 -9.77 38.46 -13.19
C GLY B 200 -9.89 39.32 -11.95
N LEU B 201 -8.90 39.25 -11.06
CA LEU B 201 -8.87 40.05 -9.85
C LEU B 201 -7.87 41.20 -10.00
N SER B 202 -8.30 42.41 -9.62
CA SER B 202 -7.39 43.54 -9.61
C SER B 202 -6.34 43.42 -8.52
N SER B 203 -6.62 42.63 -7.47
CA SER B 203 -5.70 42.42 -6.37
C SER B 203 -6.06 41.10 -5.71
N PRO B 204 -5.10 40.46 -5.03
CA PRO B 204 -5.39 39.16 -4.41
C PRO B 204 -6.55 39.23 -3.43
N VAL B 205 -7.35 38.16 -3.40
CA VAL B 205 -8.50 38.04 -2.51
C VAL B 205 -8.14 37.10 -1.37
N THR B 206 -8.40 37.54 -0.15
CA THR B 206 -8.10 36.76 1.04
C THR B 206 -9.39 36.50 1.81
N LYS B 207 -9.65 35.24 2.11
CA LYS B 207 -10.72 34.82 3.00
C LYS B 207 -10.09 34.15 4.21
N SER B 208 -10.49 34.58 5.40
CA SER B 208 -9.88 34.10 6.63
C SER B 208 -10.92 33.93 7.71
N PHE B 209 -10.55 33.17 8.74
CA PHE B 209 -11.37 33.00 9.93
C PHE B 209 -10.45 32.82 11.13
N ASN B 210 -10.97 33.17 12.31
CA ASN B 210 -10.26 32.98 13.56
C ASN B 210 -10.79 31.73 14.25
N ARG B 211 -9.89 30.80 14.58
CA ARG B 211 -10.31 29.55 15.19
C ARG B 211 -10.99 29.80 16.53
N GLY B 212 -12.18 29.22 16.70
CA GLY B 212 -12.95 29.42 17.91
C GLY B 212 -13.65 30.76 18.01
N GLU B 213 -13.92 31.40 16.88
CA GLU B 213 -14.56 32.71 16.87
C GLU B 213 -15.47 32.86 15.65
N VAL C 2 24.60 -13.29 0.08
CA VAL C 2 24.97 -13.41 1.48
C VAL C 2 23.97 -12.65 2.35
N GLN C 3 23.68 -11.40 1.96
CA GLN C 3 22.78 -10.57 2.74
C GLN C 3 21.32 -10.85 2.39
N LEU C 4 21.01 -10.92 1.09
CA LEU C 4 19.66 -11.24 0.60
C LEU C 4 18.60 -10.33 1.21
N GLN C 5 18.42 -9.15 0.63
CA GLN C 5 17.40 -8.21 1.08
C GLN C 5 16.18 -8.31 0.17
N GLU C 6 15.00 -8.42 0.77
CA GLU C 6 13.75 -8.60 0.06
C GLU C 6 12.95 -7.31 0.02
N SER C 7 12.08 -7.23 -0.99
CA SER C 7 11.18 -6.09 -1.14
C SER C 7 9.93 -6.55 -1.87
N GLY C 8 8.81 -5.89 -1.56
CA GLY C 8 7.55 -6.23 -2.18
C GLY C 8 6.37 -5.80 -1.33
N PRO C 9 5.17 -5.85 -1.90
CA PRO C 9 3.99 -5.39 -1.16
C PRO C 9 3.58 -6.39 -0.09
N GLY C 10 3.14 -5.85 1.05
CA GLY C 10 2.66 -6.69 2.13
C GLY C 10 1.19 -7.02 1.99
N ARG C 11 0.45 -6.13 1.32
CA ARG C 11 -0.98 -6.31 1.08
C ARG C 11 -1.21 -6.56 -0.40
N VAL C 12 -1.97 -7.61 -0.71
CA VAL C 12 -2.29 -7.97 -2.09
C VAL C 12 -3.78 -8.29 -2.17
N LYS C 13 -4.47 -7.66 -3.11
CA LYS C 13 -5.90 -7.91 -3.28
C LYS C 13 -6.12 -9.30 -3.88
N PRO C 14 -7.26 -9.93 -3.59
CA PRO C 14 -7.52 -11.26 -4.14
C PRO C 14 -7.51 -11.25 -5.66
N SER C 15 -7.07 -12.38 -6.23
CA SER C 15 -6.97 -12.67 -7.66
C SER C 15 -5.90 -11.86 -8.38
N GLU C 16 -5.22 -10.94 -7.70
CA GLU C 16 -4.16 -10.17 -8.33
C GLU C 16 -2.84 -10.93 -8.25
N THR C 17 -1.76 -10.31 -8.73
CA THR C 17 -0.48 -10.96 -8.88
C THR C 17 0.51 -10.41 -7.85
N LEU C 18 1.10 -11.31 -7.07
CA LEU C 18 2.16 -10.93 -6.14
C LEU C 18 3.49 -10.88 -6.88
N SER C 19 4.28 -9.83 -6.61
CA SER C 19 5.59 -9.66 -7.23
C SER C 19 6.59 -9.28 -6.16
N LEU C 20 7.62 -10.10 -5.98
CA LEU C 20 8.63 -9.89 -4.96
C LEU C 20 10.01 -9.82 -5.58
N THR C 21 10.89 -9.08 -4.91
CA THR C 21 12.27 -8.89 -5.36
C THR C 21 13.21 -9.30 -4.23
N CYS C 22 14.31 -9.95 -4.62
CA CYS C 22 15.34 -10.39 -3.67
C CYS C 22 16.69 -9.95 -4.20
N ALA C 23 17.31 -8.98 -3.52
CA ALA C 23 18.59 -8.42 -3.94
C ALA C 23 19.73 -9.11 -3.20
N VAL C 24 20.81 -9.40 -3.93
CA VAL C 24 21.98 -10.07 -3.38
C VAL C 24 23.10 -9.05 -3.22
N SER C 25 23.81 -9.13 -2.09
CA SER C 25 24.94 -8.24 -1.84
C SER C 25 26.22 -8.81 -2.42
N TYR C 33 26.96 -24.16 -9.59
CA TYR C 33 27.09 -22.87 -8.93
C TYR C 33 25.96 -22.65 -7.93
N PHE C 34 25.36 -21.46 -7.94
CA PHE C 34 24.34 -21.10 -6.97
C PHE C 34 22.93 -21.34 -7.50
N TYR C 35 22.03 -21.66 -6.58
CA TYR C 35 20.61 -21.80 -6.86
C TYR C 35 19.85 -20.81 -5.99
N TRP C 36 18.95 -20.03 -6.59
CA TRP C 36 18.17 -19.03 -5.88
C TRP C 36 16.72 -19.51 -5.79
N SER C 37 16.27 -19.81 -4.56
CA SER C 37 14.96 -20.39 -4.34
C SER C 37 14.02 -19.38 -3.70
N TRP C 38 12.72 -19.64 -3.87
CA TRP C 38 11.67 -18.92 -3.15
C TRP C 38 10.92 -19.93 -2.27
N ILE C 39 10.71 -19.57 -1.01
CA ILE C 39 10.08 -20.46 -0.04
C ILE C 39 9.10 -19.64 0.79
N ARG C 40 7.93 -20.21 1.07
CA ARG C 40 6.91 -19.53 1.84
C ARG C 40 6.50 -20.37 3.03
N GLN C 41 6.03 -19.69 4.08
CA GLN C 41 5.64 -20.33 5.34
C GLN C 41 4.36 -19.67 5.83
N ALA C 42 3.26 -20.43 5.85
CA ALA C 42 2.01 -19.91 6.36
C ALA C 42 2.08 -19.73 7.88
N PRO C 43 1.35 -18.76 8.43
CA PRO C 43 1.37 -18.57 9.88
C PRO C 43 0.91 -19.81 10.62
N GLY C 44 1.73 -20.25 11.58
CA GLY C 44 1.42 -21.46 12.31
C GLY C 44 1.54 -22.74 11.49
N LYS C 45 2.23 -22.69 10.36
CA LYS C 45 2.39 -23.87 9.51
C LYS C 45 3.84 -24.07 9.11
N GLY C 46 4.08 -25.02 8.22
CA GLY C 46 5.42 -25.39 7.83
C GLY C 46 5.92 -24.63 6.61
N LEU C 47 7.08 -25.06 6.12
CA LEU C 47 7.75 -24.43 5.00
C LEU C 47 7.41 -25.15 3.71
N GLU C 48 7.11 -24.39 2.67
CA GLU C 48 6.83 -24.93 1.34
C GLU C 48 7.77 -24.31 0.33
N TRP C 49 8.42 -25.15 -0.47
CA TRP C 49 9.34 -24.71 -1.50
C TRP C 49 8.54 -24.33 -2.75
N ILE C 50 8.70 -23.09 -3.20
CA ILE C 50 7.96 -22.60 -4.36
C ILE C 50 8.68 -22.93 -5.66
N GLY C 51 9.98 -22.70 -5.69
CA GLY C 51 10.77 -22.95 -6.88
C GLY C 51 12.14 -22.32 -6.75
N TYR C 52 12.99 -22.62 -7.72
CA TYR C 52 14.30 -21.98 -7.79
C TYR C 52 14.64 -21.64 -9.23
N ILE C 53 15.60 -20.73 -9.37
CA ILE C 53 16.25 -20.42 -10.64
C ILE C 53 17.71 -20.82 -10.51
N ALA C 54 18.23 -21.52 -11.51
CA ALA C 54 19.59 -22.03 -11.45
C ALA C 54 20.57 -21.03 -12.06
N TYR C 55 21.85 -21.29 -11.83
CA TYR C 55 22.91 -20.48 -12.45
C TYR C 55 22.82 -20.54 -13.97
N SER C 56 22.41 -21.70 -14.50
CA SER C 56 22.33 -21.89 -15.94
C SER C 56 21.14 -21.19 -16.56
N GLY C 57 20.22 -20.65 -15.76
CA GLY C 57 19.03 -20.00 -16.26
C GLY C 57 17.79 -20.86 -16.27
N GLY C 58 17.92 -22.14 -15.96
CA GLY C 58 16.75 -23.01 -15.91
C GLY C 58 15.99 -22.85 -14.60
N VAL C 59 14.67 -23.02 -14.70
CA VAL C 59 13.77 -22.86 -13.56
C VAL C 59 13.09 -24.19 -13.29
N ARG C 60 12.72 -24.39 -12.02
CA ARG C 60 11.90 -25.52 -11.61
C ARG C 60 10.93 -25.04 -10.55
N TYR C 61 9.66 -25.39 -10.71
CA TYR C 61 8.60 -24.92 -9.83
C TYR C 61 7.94 -26.09 -9.14
N ASN C 62 7.36 -25.81 -7.97
CA ASN C 62 6.58 -26.82 -7.27
C ASN C 62 5.38 -27.19 -8.13
N PRO C 63 5.20 -28.47 -8.47
CA PRO C 63 4.07 -28.84 -9.35
C PRO C 63 2.71 -28.48 -8.79
N SER C 64 2.58 -28.34 -7.46
CA SER C 64 1.33 -27.89 -6.88
C SER C 64 1.07 -26.40 -7.10
N LEU C 65 2.07 -25.67 -7.63
CA LEU C 65 1.93 -24.25 -7.91
C LEU C 65 2.44 -23.87 -9.29
N SER C 66 2.88 -24.83 -10.10
CA SER C 66 3.67 -24.52 -11.29
C SER C 66 2.94 -23.60 -12.26
N SER C 67 1.63 -23.81 -12.41
CA SER C 67 0.87 -23.02 -13.39
C SER C 67 0.80 -21.54 -13.01
N ARG C 68 1.08 -21.20 -11.77
CA ARG C 68 0.93 -19.82 -11.28
C ARG C 68 2.26 -19.17 -10.90
N VAL C 69 3.38 -19.87 -11.03
CA VAL C 69 4.66 -19.40 -10.52
C VAL C 69 5.55 -19.00 -11.70
N THR C 70 6.25 -17.88 -11.55
CA THR C 70 7.29 -17.44 -12.47
C THR C 70 8.46 -16.90 -11.65
N ILE C 71 9.66 -17.36 -11.98
CA ILE C 71 10.88 -16.91 -11.30
C ILE C 71 11.87 -16.46 -12.37
N SER C 72 12.41 -15.25 -12.21
CA SER C 72 13.31 -14.66 -13.17
C SER C 72 14.50 -14.05 -12.45
N ARG C 73 15.51 -13.67 -13.22
CA ARG C 73 16.75 -13.15 -12.68
C ARG C 73 17.16 -11.89 -13.42
N ASN C 74 17.84 -10.99 -12.71
CA ASN C 74 18.45 -9.80 -13.28
C ASN C 74 19.92 -9.81 -12.87
N ILE C 75 20.78 -10.25 -13.78
CA ILE C 75 22.19 -10.47 -13.43
C ILE C 75 22.89 -9.15 -13.15
N HIS C 76 22.68 -8.15 -14.01
CA HIS C 76 23.37 -6.88 -13.86
C HIS C 76 22.94 -6.17 -12.57
N GLU C 77 21.66 -6.23 -12.23
CA GLU C 77 21.15 -5.59 -11.02
C GLU C 77 21.31 -6.47 -9.78
N ARG C 78 21.80 -7.70 -9.94
CA ARG C 78 22.08 -8.60 -8.82
C ARG C 78 20.82 -8.83 -7.96
N GLN C 79 19.75 -9.27 -8.62
CA GLN C 79 18.51 -9.58 -7.93
C GLN C 79 17.67 -10.49 -8.79
N PHE C 80 16.91 -11.36 -8.14
CA PHE C 80 15.96 -12.26 -8.81
C PHE C 80 14.57 -12.03 -8.23
N TYR C 81 13.56 -12.53 -8.94
CA TYR C 81 12.18 -12.14 -8.70
C TYR C 81 11.27 -13.35 -8.62
N LEU C 82 10.12 -13.15 -7.98
CA LEU C 82 9.05 -14.14 -7.91
C LEU C 82 7.75 -13.46 -8.30
N ARG C 83 6.97 -14.12 -9.16
CA ARG C 83 5.65 -13.65 -9.51
C ARG C 83 4.66 -14.79 -9.33
N LEU C 84 3.63 -14.56 -8.54
CA LEU C 84 2.61 -15.55 -8.23
C LEU C 84 1.25 -14.98 -8.62
N THR C 85 0.55 -15.67 -9.52
CA THR C 85 -0.69 -15.17 -10.09
C THR C 85 -1.89 -15.75 -9.35
N SER C 86 -3.00 -15.00 -9.40
CA SER C 86 -4.28 -15.42 -8.83
C SER C 86 -4.17 -15.70 -7.33
N MET C 87 -3.80 -14.66 -6.58
CA MET C 87 -3.62 -14.79 -5.15
C MET C 87 -4.97 -14.94 -4.45
N THR C 88 -5.06 -15.92 -3.56
CA THR C 88 -6.22 -16.10 -2.69
C THR C 88 -5.77 -16.07 -1.24
N ALA C 89 -6.75 -16.14 -0.33
CA ALA C 89 -6.43 -16.13 1.09
C ALA C 89 -5.57 -17.33 1.50
N ALA C 90 -5.61 -18.42 0.73
CA ALA C 90 -4.75 -19.57 1.01
C ALA C 90 -3.29 -19.29 0.72
N ASP C 91 -2.96 -18.16 0.10
CA ASP C 91 -1.59 -17.79 -0.22
C ASP C 91 -1.00 -16.79 0.79
N THR C 92 -1.73 -16.50 1.86
CA THR C 92 -1.20 -15.64 2.91
C THR C 92 -0.09 -16.36 3.66
N ALA C 93 1.12 -15.81 3.60
CA ALA C 93 2.28 -16.46 4.21
C ALA C 93 3.43 -15.46 4.27
N VAL C 94 4.51 -15.87 4.92
CA VAL C 94 5.78 -15.15 4.89
C VAL C 94 6.65 -15.76 3.80
N TYR C 95 7.12 -14.92 2.88
CA TYR C 95 7.85 -15.39 1.70
C TYR C 95 9.33 -15.10 1.87
N TYR C 96 10.15 -16.14 1.79
CA TYR C 96 11.60 -16.02 1.88
C TYR C 96 12.23 -16.30 0.53
N CYS C 97 13.34 -15.63 0.27
CA CYS C 97 14.26 -16.04 -0.78
C CYS C 97 15.50 -16.68 -0.14
N ALA C 98 16.09 -17.63 -0.86
CA ALA C 98 17.23 -18.35 -0.32
C ALA C 98 18.19 -18.69 -1.44
N ARG C 99 19.41 -19.04 -1.04
CA ARG C 99 20.49 -19.37 -1.96
C ARG C 99 21.31 -20.50 -1.37
N HIS C 100 21.66 -21.48 -2.20
CA HIS C 100 22.49 -22.59 -1.78
C HIS C 100 23.38 -23.03 -2.93
N CYS C 101 24.43 -23.76 -2.59
CA CYS C 101 25.41 -24.21 -3.57
C CYS C 101 25.44 -25.73 -3.66
N SER C 113 28.93 -25.42 2.27
CA SER C 113 27.49 -25.31 2.50
C SER C 113 26.71 -25.89 1.32
N TYR C 114 26.04 -27.01 1.55
CA TYR C 114 25.25 -27.66 0.51
C TYR C 114 23.81 -27.15 0.48
N GLY C 115 23.19 -26.98 1.64
CA GLY C 115 21.80 -26.55 1.75
C GLY C 115 21.70 -25.10 2.14
N LEU C 116 20.53 -24.51 1.86
CA LEU C 116 20.21 -23.10 2.06
C LEU C 116 20.98 -22.42 3.18
N ASP C 117 22.10 -21.77 2.85
CA ASP C 117 22.93 -21.09 3.83
C ASP C 117 22.61 -19.61 3.96
N SER C 118 22.04 -19.00 2.93
CA SER C 118 21.67 -17.59 2.96
C SER C 118 20.17 -17.46 2.77
N TRP C 119 19.52 -16.71 3.67
CA TRP C 119 18.08 -16.50 3.62
C TRP C 119 17.78 -15.00 3.70
N GLY C 120 16.68 -14.61 3.05
CA GLY C 120 16.16 -13.27 3.24
C GLY C 120 15.39 -13.15 4.54
N GLN C 121 15.04 -11.91 4.89
CA GLN C 121 14.34 -11.67 6.14
C GLN C 121 12.88 -12.10 6.10
N GLY C 122 12.34 -12.36 4.91
CA GLY C 122 10.95 -12.74 4.79
C GLY C 122 10.02 -11.55 4.65
N ILE C 123 8.97 -11.70 3.85
CA ILE C 123 7.99 -10.64 3.64
C ILE C 123 6.61 -11.21 3.95
N ALA C 124 5.92 -10.59 4.91
CA ALA C 124 4.56 -11.01 5.26
C ALA C 124 3.59 -10.52 4.21
N VAL C 125 2.89 -11.45 3.56
CA VAL C 125 1.96 -11.13 2.48
C VAL C 125 0.56 -11.56 2.90
N THR C 126 -0.36 -10.62 2.93
CA THR C 126 -1.76 -10.88 3.28
C THR C 126 -2.64 -10.65 2.06
N VAL C 127 -3.50 -11.61 1.77
CA VAL C 127 -4.44 -11.52 0.67
C VAL C 127 -5.80 -11.22 1.28
N SER C 128 -6.24 -9.96 1.16
CA SER C 128 -7.50 -9.54 1.76
C SER C 128 -8.02 -8.33 1.00
N PRO C 129 -9.34 -8.12 0.95
CA PRO C 129 -9.86 -6.88 0.37
C PRO C 129 -9.52 -5.69 1.26
N SER C 130 -9.14 -4.60 0.63
CA SER C 130 -8.77 -3.37 1.33
C SER C 130 -9.88 -2.34 1.17
N THR C 131 -11.00 -2.59 1.83
CA THR C 131 -12.19 -1.75 1.75
C THR C 131 -12.30 -0.86 2.98
N LYS C 132 -12.58 0.42 2.76
CA LYS C 132 -12.78 1.37 3.85
C LYS C 132 -13.85 2.37 3.44
N GLY C 133 -14.83 2.56 4.33
CA GLY C 133 -15.89 3.52 4.10
C GLY C 133 -15.45 4.93 4.43
N PRO C 134 -16.05 5.91 3.76
CA PRO C 134 -15.64 7.30 3.94
C PRO C 134 -16.26 7.94 5.17
N SER C 135 -15.58 8.96 5.67
CA SER C 135 -16.13 9.84 6.69
C SER C 135 -16.62 11.12 6.02
N VAL C 136 -17.84 11.52 6.36
CA VAL C 136 -18.47 12.69 5.75
C VAL C 136 -18.52 13.80 6.79
N PHE C 137 -17.89 14.93 6.47
CA PHE C 137 -17.85 16.07 7.37
C PHE C 137 -18.47 17.29 6.68
N PRO C 138 -19.25 18.07 7.43
CA PRO C 138 -19.91 19.24 6.82
C PRO C 138 -18.95 20.39 6.59
N LEU C 139 -19.19 21.12 5.51
CA LEU C 139 -18.50 22.36 5.19
C LEU C 139 -19.51 23.48 5.37
N ALA C 140 -19.60 24.01 6.59
CA ALA C 140 -20.63 25.00 6.92
C ALA C 140 -20.25 26.37 6.36
N PRO C 141 -21.24 27.15 5.91
CA PRO C 141 -21.04 28.50 5.37
C PRO C 141 -20.32 29.42 6.36
N SER C 142 -29.29 38.74 -1.14
CA SER C 142 -28.88 38.93 -2.51
C SER C 142 -27.54 38.31 -2.84
N GLY C 143 -26.81 37.92 -1.79
CA GLY C 143 -25.51 37.31 -1.95
C GLY C 143 -25.61 35.83 -2.25
N THR C 144 -24.44 35.23 -2.51
CA THR C 144 -24.32 33.81 -2.80
C THR C 144 -23.52 33.13 -1.71
N ALA C 145 -24.08 32.10 -1.10
CA ALA C 145 -23.43 31.35 -0.04
C ALA C 145 -22.99 29.98 -0.56
N ALA C 146 -21.90 29.48 0.00
CA ALA C 146 -21.35 28.19 -0.38
C ALA C 146 -21.31 27.26 0.83
N LEU C 147 -21.71 26.00 0.61
CA LEU C 147 -21.61 24.97 1.61
C LEU C 147 -21.25 23.67 0.90
N GLY C 148 -20.86 22.67 1.67
CA GLY C 148 -20.44 21.43 1.05
C GLY C 148 -20.22 20.32 2.05
N CYS C 149 -19.68 19.23 1.53
CA CYS C 149 -19.39 18.02 2.31
C CYS C 149 -17.99 17.53 1.95
N LEU C 150 -17.21 17.19 2.98
CA LEU C 150 -15.89 16.63 2.79
C LEU C 150 -15.98 15.12 2.96
N VAL C 151 -15.72 14.39 1.89
CA VAL C 151 -15.78 12.93 1.89
C VAL C 151 -14.33 12.43 1.94
N LYS C 152 -13.92 11.92 3.09
CA LYS C 152 -12.51 11.70 3.40
C LYS C 152 -12.24 10.25 3.75
N ASP C 153 -11.09 9.74 3.30
CA ASP C 153 -10.53 8.45 3.70
C ASP C 153 -11.46 7.29 3.35
N TYR C 154 -11.52 7.01 2.05
CA TYR C 154 -12.25 5.85 1.53
C TYR C 154 -11.41 5.14 0.49
N PHE C 155 -11.76 3.88 0.24
CA PHE C 155 -11.08 3.06 -0.75
C PHE C 155 -11.93 1.85 -1.07
N PRO C 156 -12.06 1.47 -2.35
CA PRO C 156 -11.48 2.21 -3.47
C PRO C 156 -12.45 3.21 -4.08
N GLU C 157 -12.10 3.76 -5.24
CA GLU C 157 -13.03 4.59 -5.98
C GLU C 157 -14.16 3.72 -6.54
N PRO C 158 -15.35 4.32 -6.76
CA PRO C 158 -15.69 5.72 -6.49
C PRO C 158 -16.72 5.91 -5.38
N VAL C 159 -17.01 7.17 -5.08
CA VAL C 159 -18.18 7.53 -4.30
C VAL C 159 -19.09 8.37 -5.17
N THR C 160 -20.37 8.40 -4.82
CA THR C 160 -21.34 9.26 -5.47
C THR C 160 -21.92 10.22 -4.44
N VAL C 161 -22.08 11.48 -4.83
CA VAL C 161 -22.59 12.52 -3.95
C VAL C 161 -23.77 13.19 -4.62
N SER C 162 -24.90 13.25 -3.91
CA SER C 162 -26.06 14.01 -4.33
C SER C 162 -26.46 14.94 -3.20
N TRP C 163 -27.30 15.92 -3.53
CA TRP C 163 -27.77 16.91 -2.57
C TRP C 163 -29.28 16.88 -2.51
N ASN C 164 -29.81 16.78 -1.29
CA ASN C 164 -31.25 16.66 -1.07
C ASN C 164 -31.85 15.52 -1.88
N SER C 165 -31.15 14.38 -1.85
CA SER C 165 -31.58 13.15 -2.53
C SER C 165 -31.73 13.35 -4.03
N GLY C 166 -31.01 14.33 -4.58
CA GLY C 166 -31.04 14.61 -6.01
C GLY C 166 -31.88 15.80 -6.40
N ALA C 167 -32.62 16.40 -5.47
CA ALA C 167 -33.45 17.56 -5.78
C ALA C 167 -32.61 18.81 -6.02
N LEU C 168 -31.38 18.85 -5.53
CA LEU C 168 -30.49 20.00 -5.68
C LEU C 168 -29.35 19.61 -6.62
N THR C 169 -29.42 20.09 -7.85
CA THR C 169 -28.43 19.79 -8.87
C THR C 169 -27.72 21.01 -9.43
N SER C 170 -28.39 22.15 -9.53
CA SER C 170 -27.77 23.36 -10.07
C SER C 170 -26.84 23.97 -9.03
N GLY C 171 -25.67 24.39 -9.49
CA GLY C 171 -24.67 24.97 -8.60
C GLY C 171 -23.82 23.97 -7.86
N VAL C 172 -23.93 22.68 -8.18
CA VAL C 172 -23.19 21.65 -7.47
C VAL C 172 -21.89 21.38 -8.20
N HIS C 173 -20.79 21.31 -7.45
CA HIS C 173 -19.48 20.94 -7.98
C HIS C 173 -18.92 19.81 -7.12
N THR C 174 -18.81 18.62 -7.70
CA THR C 174 -18.18 17.49 -7.04
C THR C 174 -16.79 17.31 -7.65
N PHE C 175 -15.76 17.60 -6.86
CA PHE C 175 -14.40 17.61 -7.36
C PHE C 175 -13.87 16.20 -7.56
N PRO C 176 -12.88 16.03 -8.44
CA PRO C 176 -12.25 14.72 -8.58
C PRO C 176 -11.60 14.28 -7.27
N ALA C 177 -11.57 12.97 -7.07
CA ALA C 177 -10.96 12.42 -5.86
C ALA C 177 -9.44 12.56 -5.93
N VAL C 178 -8.84 12.91 -4.79
CA VAL C 178 -7.40 13.04 -4.67
C VAL C 178 -6.88 11.84 -3.89
N LEU C 179 -5.90 11.16 -4.46
CA LEU C 179 -5.26 10.03 -3.80
C LEU C 179 -4.27 10.55 -2.78
N GLN C 180 -4.55 10.32 -1.49
CA GLN C 180 -3.68 10.79 -0.43
C GLN C 180 -2.50 9.85 -0.25
N SER C 181 -1.49 10.32 0.49
CA SER C 181 -0.29 9.54 0.70
C SER C 181 -0.56 8.26 1.49
N SER C 182 -1.62 8.23 2.29
CA SER C 182 -1.97 7.05 3.06
C SER C 182 -2.62 5.96 2.22
N GLY C 183 -2.85 6.20 0.93
CA GLY C 183 -3.51 5.25 0.07
C GLY C 183 -5.02 5.41 0.00
N LEU C 184 -5.60 6.33 0.74
CA LEU C 184 -7.03 6.58 0.75
C LEU C 184 -7.37 7.80 -0.10
N TYR C 185 -8.62 7.84 -0.55
CA TYR C 185 -9.10 8.91 -1.42
C TYR C 185 -9.92 9.92 -0.62
N SER C 186 -9.98 11.14 -1.15
CA SER C 186 -10.75 12.22 -0.54
C SER C 186 -11.23 13.15 -1.63
N LEU C 187 -12.45 13.67 -1.44
CA LEU C 187 -12.99 14.68 -2.34
C LEU C 187 -13.93 15.58 -1.56
N SER C 188 -14.33 16.67 -2.20
CA SER C 188 -15.33 17.58 -1.66
C SER C 188 -16.41 17.80 -2.70
N SER C 189 -17.64 17.96 -2.21
CA SER C 189 -18.77 18.34 -3.06
C SER C 189 -19.35 19.62 -2.48
N VAL C 190 -19.31 20.70 -3.26
CA VAL C 190 -19.78 22.01 -2.81
C VAL C 190 -20.99 22.40 -3.65
N VAL C 191 -21.78 23.31 -3.10
CA VAL C 191 -22.95 23.84 -3.79
C VAL C 191 -23.14 25.29 -3.37
N THR C 192 -23.47 26.14 -4.34
CA THR C 192 -23.75 27.55 -4.09
C THR C 192 -25.25 27.77 -4.08
N VAL C 193 -25.73 28.48 -3.07
CA VAL C 193 -27.17 28.73 -2.90
C VAL C 193 -27.36 30.21 -2.55
N PRO C 194 -28.57 30.72 -2.79
CA PRO C 194 -28.88 32.07 -2.31
C PRO C 194 -28.77 32.15 -0.80
N SER C 195 -28.13 33.23 -0.32
CA SER C 195 -27.91 33.39 1.11
C SER C 195 -29.21 33.48 1.89
N SER C 196 -30.27 34.01 1.26
CA SER C 196 -31.55 34.16 1.94
C SER C 196 -32.15 32.80 2.30
N SER C 197 -31.81 31.75 1.55
CA SER C 197 -32.32 30.42 1.84
C SER C 197 -31.64 29.75 3.03
N LEU C 198 -30.51 30.29 3.49
CA LEU C 198 -29.86 29.72 4.66
C LEU C 198 -30.72 29.87 5.90
N GLY C 199 -30.82 28.80 6.68
CA GLY C 199 -31.70 28.76 7.82
C GLY C 199 -33.14 28.43 7.49
N THR C 200 -33.52 28.49 6.22
CA THR C 200 -34.88 28.18 5.77
C THR C 200 -34.96 26.89 4.99
N GLN C 201 -34.08 26.70 4.00
CA GLN C 201 -34.01 25.48 3.22
C GLN C 201 -33.00 24.53 3.85
N THR C 202 -33.37 23.26 3.98
CA THR C 202 -32.49 22.26 4.56
C THR C 202 -31.61 21.66 3.46
N TYR C 203 -30.34 21.46 3.77
CA TYR C 203 -29.36 20.96 2.82
C TYR C 203 -28.71 19.71 3.37
N ILE C 204 -28.89 18.60 2.67
CA ILE C 204 -28.35 17.30 3.07
C ILE C 204 -27.59 16.72 1.89
N CYS C 205 -26.35 16.29 2.14
CA CYS C 205 -25.54 15.63 1.13
C CYS C 205 -25.61 14.12 1.34
N ASN C 206 -25.76 13.38 0.25
CA ASN C 206 -25.94 11.94 0.29
C ASN C 206 -24.73 11.28 -0.37
N VAL C 207 -23.96 10.55 0.41
CA VAL C 207 -22.71 9.93 -0.05
C VAL C 207 -22.89 8.43 -0.08
N ASN C 208 -22.67 7.82 -1.24
CA ASN C 208 -22.75 6.38 -1.43
C ASN C 208 -21.40 5.83 -1.80
N HIS C 209 -20.93 4.83 -1.05
CA HIS C 209 -19.71 4.09 -1.35
C HIS C 209 -20.11 2.63 -1.49
N LYS C 210 -20.43 2.23 -2.72
CA LYS C 210 -20.91 0.87 -2.95
C LYS C 210 -19.87 -0.23 -2.66
N PRO C 211 -18.56 -0.04 -2.88
CA PRO C 211 -17.61 -1.10 -2.46
C PRO C 211 -17.73 -1.50 -1.01
N SER C 212 -18.11 -0.58 -0.13
CA SER C 212 -18.37 -0.89 1.27
C SER C 212 -19.85 -0.89 1.61
N ASN C 213 -20.73 -0.67 0.63
CA ASN C 213 -22.17 -0.58 0.84
C ASN C 213 -22.51 0.40 1.96
N THR C 214 -21.91 1.58 1.88
CA THR C 214 -22.06 2.62 2.88
C THR C 214 -22.88 3.77 2.31
N LYS C 215 -23.90 4.19 3.05
CA LYS C 215 -24.75 5.32 2.68
C LYS C 215 -24.80 6.27 3.86
N VAL C 216 -24.34 7.51 3.65
CA VAL C 216 -24.32 8.53 4.69
C VAL C 216 -25.09 9.74 4.20
N ASP C 217 -25.94 10.28 5.07
CA ASP C 217 -26.71 11.51 4.81
C ASP C 217 -26.36 12.52 5.90
N LYS C 218 -25.55 13.51 5.55
CA LYS C 218 -25.06 14.51 6.50
C LYS C 218 -25.77 15.83 6.26
N ARG C 219 -26.40 16.36 7.31
CA ARG C 219 -27.04 17.67 7.21
C ARG C 219 -26.00 18.77 7.41
N VAL C 220 -26.00 19.74 6.50
CA VAL C 220 -25.04 20.85 6.54
C VAL C 220 -25.79 22.10 6.94
N GLU C 221 -25.56 22.56 8.16
CA GLU C 221 -26.18 23.76 8.70
C GLU C 221 -25.11 24.69 9.25
N PRO C 222 -25.36 25.99 9.26
CA PRO C 222 -24.39 26.94 9.83
C PRO C 222 -24.04 26.56 11.26
N LYS C 223 -22.73 26.56 11.56
CA LYS C 223 -22.25 26.05 12.83
C LYS C 223 -22.81 26.85 14.00
N SER C 224 -23.12 26.15 15.09
CA SER C 224 -23.75 26.77 16.24
C SER C 224 -22.71 27.47 17.10
N CYS C 225 -23.19 28.35 17.98
CA CYS C 225 -22.33 29.10 18.88
C CYS C 225 -21.57 28.17 19.84
N ASP D 1 6.27 -34.07 -4.05
CA ASP D 1 6.20 -35.46 -4.49
C ASP D 1 6.64 -36.40 -3.36
N ILE D 2 7.84 -36.18 -2.84
CA ILE D 2 8.35 -36.96 -1.73
C ILE D 2 7.82 -36.36 -0.42
N GLN D 3 7.10 -37.16 0.36
CA GLN D 3 6.52 -36.71 1.61
C GLN D 3 7.50 -36.94 2.76
N MET D 4 7.41 -36.07 3.76
CA MET D 4 8.31 -36.13 4.91
C MET D 4 7.52 -35.94 6.20
N THR D 5 7.69 -36.88 7.13
CA THR D 5 7.00 -36.85 8.42
C THR D 5 8.03 -36.72 9.53
N GLN D 6 7.84 -35.73 10.40
CA GLN D 6 8.71 -35.53 11.55
C GLN D 6 8.01 -36.00 12.82
N SER D 7 8.80 -36.58 13.74
CA SER D 7 8.30 -37.07 15.01
C SER D 7 9.33 -36.73 16.09
N PRO D 8 8.90 -36.12 17.21
CA PRO D 8 7.50 -35.70 17.44
C PRO D 8 7.19 -34.36 16.79
N SER D 9 5.93 -33.94 16.85
CA SER D 9 5.56 -32.63 16.33
C SER D 9 5.90 -31.52 17.33
N SER D 10 5.71 -31.79 18.63
CA SER D 10 6.07 -30.87 19.69
C SER D 10 6.86 -31.64 20.75
N LEU D 11 7.75 -30.93 21.43
CA LEU D 11 8.70 -31.57 22.33
C LEU D 11 9.12 -30.58 23.41
N SER D 12 9.15 -31.05 24.66
CA SER D 12 9.63 -30.26 25.79
C SER D 12 10.50 -31.13 26.66
N ALA D 13 11.72 -30.66 26.93
CA ALA D 13 12.68 -31.42 27.73
C ALA D 13 13.44 -30.48 28.64
N SER D 14 14.14 -31.06 29.61
CA SER D 14 14.93 -30.31 30.57
C SER D 14 16.33 -30.05 30.03
N VAL D 15 17.02 -29.08 30.64
CA VAL D 15 18.40 -28.80 30.27
C VAL D 15 19.26 -30.01 30.59
N GLY D 16 20.04 -30.45 29.61
CA GLY D 16 20.86 -31.63 29.76
C GLY D 16 20.22 -32.91 29.28
N ASP D 17 18.95 -32.88 28.87
CA ASP D 17 18.29 -34.07 28.36
C ASP D 17 18.80 -34.40 26.95
N ARG D 18 18.64 -35.66 26.57
CA ARG D 18 18.97 -36.11 25.24
C ARG D 18 17.72 -36.08 24.37
N VAL D 19 17.76 -35.34 23.28
CA VAL D 19 16.60 -35.09 22.42
C VAL D 19 16.84 -35.77 21.08
N THR D 20 15.88 -36.59 20.66
CA THR D 20 15.95 -37.35 19.41
C THR D 20 14.76 -36.98 18.54
N ILE D 21 15.03 -36.47 17.34
CA ILE D 21 14.00 -36.08 16.39
C ILE D 21 14.13 -36.95 15.15
N THR D 22 13.03 -37.55 14.72
CA THR D 22 13.00 -38.47 13.60
C THR D 22 12.38 -37.78 12.39
N CYS D 23 13.02 -37.97 11.22
CA CYS D 23 12.50 -37.50 9.94
C CYS D 23 12.37 -38.71 9.02
N ARG D 24 11.14 -39.08 8.68
CA ARG D 24 10.87 -40.21 7.82
C ARG D 24 10.37 -39.72 6.47
N THR D 25 10.95 -40.25 5.39
CA THR D 25 10.57 -39.87 4.03
C THR D 25 9.85 -41.03 3.35
N SER D 26 8.93 -40.68 2.45
CA SER D 26 8.13 -41.70 1.78
C SER D 26 8.91 -42.50 0.75
N GLU D 27 10.03 -41.96 0.26
CA GLU D 27 10.87 -42.64 -0.70
C GLU D 27 12.32 -42.46 -0.29
N ASN D 28 13.21 -43.20 -0.96
CA ASN D 28 14.64 -43.08 -0.67
C ASN D 28 15.12 -41.68 -1.02
N VAL D 29 15.78 -41.04 -0.05
CA VAL D 29 16.26 -39.68 -0.19
C VAL D 29 17.76 -39.63 -0.50
N ASN D 30 18.48 -40.74 -0.30
CA ASN D 30 19.88 -40.88 -0.71
C ASN D 30 20.79 -39.93 0.05
N ASN D 31 20.50 -39.76 1.34
CA ASN D 31 21.27 -38.94 2.27
C ASN D 31 21.29 -37.46 1.90
N CYS D 32 20.47 -37.04 0.93
CA CYS D 32 20.34 -35.63 0.58
C CYS D 32 19.30 -35.01 1.51
N LEU D 33 19.72 -34.76 2.75
CA LEU D 33 18.81 -34.28 3.80
C LEU D 33 19.52 -33.25 4.66
N ASN D 34 18.83 -32.15 4.95
CA ASN D 34 19.35 -31.05 5.75
C ASN D 34 18.47 -30.83 6.97
N TRP D 35 19.03 -30.16 7.98
CA TRP D 35 18.30 -29.83 9.20
C TRP D 35 18.40 -28.34 9.46
N TYR D 36 17.28 -27.71 9.76
CA TYR D 36 17.23 -26.27 10.02
C TYR D 36 16.66 -26.00 11.40
N GLN D 37 17.14 -24.93 12.01
CA GLN D 37 16.60 -24.42 13.27
C GLN D 37 16.01 -23.04 13.01
N GLN D 38 14.76 -22.85 13.42
CA GLN D 38 14.05 -21.59 13.18
C GLN D 38 13.59 -21.00 14.51
N LYS D 39 14.13 -19.84 14.84
CA LYS D 39 13.65 -19.06 15.98
C LYS D 39 12.40 -18.29 15.58
N PRO D 40 11.52 -17.98 16.53
CA PRO D 40 10.27 -17.28 16.19
C PRO D 40 10.55 -15.93 15.53
N GLY D 41 9.83 -15.68 14.43
CA GLY D 41 9.97 -14.44 13.68
C GLY D 41 11.23 -14.32 12.85
N LYS D 42 12.06 -15.35 12.79
CA LYS D 42 13.32 -15.31 12.04
C LYS D 42 13.28 -16.32 10.89
N ALA D 43 14.26 -16.20 10.00
CA ALA D 43 14.40 -17.15 8.92
C ALA D 43 15.07 -18.43 9.41
N PRO D 44 14.77 -19.57 8.79
CA PRO D 44 15.43 -20.82 9.18
C PRO D 44 16.93 -20.74 9.02
N LYS D 45 17.65 -21.32 9.99
CA LYS D 45 19.10 -21.37 9.98
C LYS D 45 19.57 -22.79 9.76
N LEU D 46 20.46 -22.98 8.78
CA LEU D 46 20.96 -24.30 8.44
C LEU D 46 21.85 -24.82 9.56
N LEU D 47 21.52 -25.99 10.10
CA LEU D 47 22.33 -26.63 11.14
C LEU D 47 23.21 -27.73 10.56
N ILE D 48 22.60 -28.69 9.89
CA ILE D 48 23.29 -29.86 9.34
C ILE D 48 22.87 -30.03 7.89
N TYR D 49 23.83 -30.36 7.04
CA TYR D 49 23.57 -30.65 5.64
C TYR D 49 24.21 -31.98 5.26
N ARG D 50 23.66 -32.60 4.22
CA ARG D 50 24.13 -33.91 3.74
C ARG D 50 24.09 -34.94 4.88
N THR D 51 22.95 -35.00 5.55
CA THR D 51 22.65 -35.94 6.62
C THR D 51 23.42 -35.66 7.91
N SER D 52 24.74 -35.50 7.83
CA SER D 52 25.56 -35.53 9.04
C SER D 52 26.55 -34.37 9.20
N THR D 53 26.82 -33.58 8.16
CA THR D 53 27.85 -32.56 8.24
C THR D 53 27.30 -31.30 8.91
N LEU D 54 27.95 -30.88 9.99
CA LEU D 54 27.54 -29.67 10.71
C LEU D 54 27.99 -28.43 9.96
N GLN D 55 27.14 -27.41 9.97
CA GLN D 55 27.53 -26.09 9.46
C GLN D 55 28.49 -25.44 10.44
N ARG D 56 29.35 -24.56 9.91
CA ARG D 56 30.33 -23.89 10.75
C ARG D 56 29.63 -23.01 11.78
N GLY D 57 30.08 -23.10 13.03
CA GLY D 57 29.50 -22.35 14.12
C GLY D 57 28.44 -23.10 14.90
N VAL D 58 28.10 -24.32 14.50
CA VAL D 58 27.08 -25.13 15.19
C VAL D 58 27.75 -25.91 16.31
N PRO D 59 27.26 -25.83 17.54
CA PRO D 59 27.88 -26.59 18.64
C PRO D 59 27.80 -28.10 18.40
N SER D 60 28.78 -28.82 18.96
CA SER D 60 28.95 -30.23 18.68
C SER D 60 27.84 -31.10 19.27
N ARG D 61 26.96 -30.55 20.11
CA ARG D 61 25.87 -31.35 20.67
C ARG D 61 24.80 -31.69 19.63
N PHE D 62 24.79 -30.98 18.50
CA PHE D 62 23.92 -31.33 17.38
C PHE D 62 24.61 -32.34 16.50
N SER D 63 23.90 -33.44 16.20
CA SER D 63 24.42 -34.47 15.32
C SER D 63 23.29 -35.03 14.47
N GLY D 64 23.61 -35.35 13.23
CA GLY D 64 22.63 -35.94 12.32
C GLY D 64 23.13 -37.25 11.75
N THR D 65 22.23 -38.22 11.68
CA THR D 65 22.52 -39.54 11.13
C THR D 65 21.34 -39.99 10.27
N GLY D 66 21.50 -41.15 9.66
CA GLY D 66 20.43 -41.78 8.90
C GLY D 66 20.83 -42.07 7.47
N SER D 67 19.95 -42.81 6.80
CA SER D 67 20.10 -43.17 5.39
C SER D 67 18.75 -43.68 4.90
N GLY D 68 18.63 -43.84 3.58
CA GLY D 68 17.41 -44.32 2.99
C GLY D 68 16.22 -43.41 3.28
N THR D 69 15.29 -43.88 4.11
CA THR D 69 14.10 -43.12 4.44
C THR D 69 14.02 -42.72 5.91
N ASP D 70 15.05 -42.99 6.71
CA ASP D 70 15.02 -42.74 8.15
C ASP D 70 16.23 -41.89 8.51
N TYR D 71 15.97 -40.72 9.11
CA TYR D 71 17.02 -39.79 9.50
C TYR D 71 16.73 -39.27 10.89
N THR D 72 17.80 -38.84 11.57
CA THR D 72 17.72 -38.50 12.99
C THR D 72 18.53 -37.26 13.29
N LEU D 73 17.92 -36.32 14.00
CA LEU D 73 18.62 -35.18 14.58
C LEU D 73 18.68 -35.37 16.09
N THR D 74 19.89 -35.29 16.65
CA THR D 74 20.12 -35.60 18.05
C THR D 74 20.77 -34.41 18.75
N ILE D 75 20.20 -34.00 19.87
CA ILE D 75 20.80 -33.01 20.76
C ILE D 75 21.20 -33.75 22.02
N SER D 76 22.50 -33.98 22.18
CA SER D 76 22.98 -34.82 23.28
C SER D 76 22.67 -34.20 24.64
N SER D 77 22.84 -32.88 24.76
CA SER D 77 22.57 -32.17 26.01
C SER D 77 21.83 -30.88 25.66
N LEU D 78 20.51 -30.90 25.84
CA LEU D 78 19.68 -29.77 25.46
C LEU D 78 20.04 -28.54 26.30
N GLN D 79 20.22 -27.41 25.62
CA GLN D 79 20.48 -26.14 26.28
C GLN D 79 19.28 -25.21 26.14
N SER D 80 19.26 -24.16 26.95
CA SER D 80 18.11 -23.27 26.98
C SER D 80 17.92 -22.57 25.65
N GLU D 81 19.01 -22.20 24.98
CA GLU D 81 18.94 -21.48 23.72
C GLU D 81 18.66 -22.38 22.52
N ASP D 82 18.35 -23.65 22.75
CA ASP D 82 18.00 -24.56 21.68
C ASP D 82 16.52 -24.54 21.35
N PHE D 83 15.75 -23.62 21.92
CA PHE D 83 14.33 -23.56 21.63
C PHE D 83 14.10 -23.09 20.20
N GLY D 84 12.98 -23.50 19.63
CA GLY D 84 12.62 -23.16 18.28
C GLY D 84 12.02 -24.36 17.59
N THR D 85 11.80 -24.22 16.28
CA THR D 85 11.25 -25.27 15.45
C THR D 85 12.33 -25.82 14.54
N TYR D 86 12.45 -27.14 14.49
CA TYR D 86 13.46 -27.82 13.68
C TYR D 86 12.79 -28.48 12.50
N TYR D 87 13.38 -28.29 11.31
CA TYR D 87 12.85 -28.82 10.07
C TYR D 87 13.89 -29.70 9.39
N CYS D 88 13.44 -30.80 8.81
CA CYS D 88 14.25 -31.55 7.86
C CYS D 88 13.81 -31.21 6.45
N GLN D 89 14.74 -31.33 5.51
CA GLN D 89 14.48 -30.96 4.13
C GLN D 89 15.34 -31.81 3.20
N HIS D 90 14.70 -32.42 2.20
CA HIS D 90 15.37 -33.24 1.22
C HIS D 90 15.57 -32.47 -0.08
N TYR D 91 16.66 -32.81 -0.79
CA TYR D 91 16.96 -32.22 -2.08
C TYR D 91 17.40 -33.29 -3.08
N TYR D 92 16.84 -34.49 -2.94
CA TYR D 92 17.08 -35.58 -3.88
C TYR D 92 16.08 -35.40 -5.02
N GLY D 93 16.45 -34.58 -5.99
CA GLY D 93 15.53 -34.21 -7.05
C GLY D 93 14.61 -33.09 -6.64
N THR D 94 13.58 -32.89 -7.45
CA THR D 94 12.58 -31.87 -7.21
C THR D 94 11.19 -32.48 -7.30
N PRO D 95 10.20 -31.93 -6.59
CA PRO D 95 10.26 -30.72 -5.75
C PRO D 95 10.96 -30.89 -4.41
N LEU D 96 11.64 -29.84 -3.96
CA LEU D 96 12.18 -29.81 -2.61
C LEU D 96 11.05 -29.77 -1.60
N THR D 97 11.16 -30.57 -0.55
CA THR D 97 10.11 -30.71 0.44
C THR D 97 10.71 -30.58 1.84
N PHE D 98 9.94 -29.96 2.74
CA PHE D 98 10.32 -29.82 4.14
C PHE D 98 9.43 -30.73 4.98
N GLY D 99 9.94 -31.12 6.14
CA GLY D 99 9.12 -31.79 7.12
C GLY D 99 8.16 -30.82 7.80
N GLY D 100 7.19 -31.38 8.51
CA GLY D 100 6.20 -30.56 9.19
C GLY D 100 6.78 -29.67 10.27
N GLY D 101 7.92 -30.04 10.82
CA GLY D 101 8.56 -29.25 11.85
C GLY D 101 8.36 -29.86 13.24
N THR D 102 9.32 -29.59 14.12
CA THR D 102 9.27 -30.07 15.50
C THR D 102 9.56 -28.90 16.43
N MET D 103 8.58 -28.52 17.23
CA MET D 103 8.75 -27.45 18.19
C MET D 103 9.46 -27.96 19.43
N VAL D 104 10.47 -27.22 19.88
CA VAL D 104 11.28 -27.60 21.03
C VAL D 104 11.37 -26.41 21.98
N ASP D 105 11.12 -26.66 23.27
CA ASP D 105 11.35 -25.66 24.30
C ASP D 105 11.72 -26.38 25.59
N ILE D 106 12.05 -25.61 26.61
CA ILE D 106 12.51 -26.15 27.89
C ILE D 106 11.31 -26.48 28.75
N LYS D 107 11.31 -27.69 29.32
CA LYS D 107 10.19 -28.16 30.12
C LYS D 107 10.18 -27.50 31.50
N ARG D 108 8.99 -27.23 32.01
CA ARG D 108 8.81 -26.77 33.38
C ARG D 108 7.36 -27.00 33.78
N THR D 109 7.07 -26.75 35.04
CA THR D 109 5.72 -26.91 35.53
C THR D 109 4.80 -25.86 34.90
N VAL D 110 3.51 -26.16 34.90
CA VAL D 110 2.53 -25.26 34.28
C VAL D 110 2.41 -24.00 35.12
N ALA D 111 2.50 -22.85 34.45
CA ALA D 111 2.33 -21.55 35.09
C ALA D 111 1.16 -20.83 34.43
N ALA D 112 0.18 -20.44 35.23
CA ALA D 112 -0.95 -19.69 34.71
C ALA D 112 -0.53 -18.26 34.37
N PRO D 113 -1.09 -17.69 33.32
CA PRO D 113 -0.74 -16.31 32.96
C PRO D 113 -1.33 -15.30 33.94
N SER D 114 -0.56 -14.26 34.22
CA SER D 114 -1.05 -13.10 34.95
C SER D 114 -1.59 -12.10 33.95
N VAL D 115 -2.88 -11.84 34.01
CA VAL D 115 -3.57 -11.07 32.97
C VAL D 115 -3.78 -9.64 33.46
N PHE D 116 -3.41 -8.68 32.62
CA PHE D 116 -3.65 -7.27 32.86
C PHE D 116 -4.28 -6.66 31.61
N ILE D 117 -5.13 -5.67 31.82
CA ILE D 117 -5.77 -4.95 30.73
C ILE D 117 -5.45 -3.46 30.88
N PHE D 118 -5.18 -2.80 29.76
CA PHE D 118 -4.78 -1.40 29.74
C PHE D 118 -5.72 -0.63 28.82
N PRO D 119 -6.45 0.37 29.32
CA PRO D 119 -7.24 1.22 28.44
C PRO D 119 -6.35 2.12 27.61
N PRO D 120 -6.86 2.67 26.51
CA PRO D 120 -6.05 3.63 25.75
C PRO D 120 -5.79 4.89 26.57
N SER D 121 -4.60 5.46 26.40
CA SER D 121 -4.23 6.66 27.11
C SER D 121 -4.99 7.87 26.56
N ASP D 122 -5.05 8.92 27.37
CA ASP D 122 -5.68 10.16 26.93
C ASP D 122 -4.91 10.79 25.76
N GLU D 123 -3.59 10.66 25.78
CA GLU D 123 -2.77 11.23 24.71
C GLU D 123 -3.09 10.59 23.37
N GLN D 124 -3.34 9.29 23.36
CA GLN D 124 -3.66 8.61 22.10
C GLN D 124 -5.10 8.91 21.66
N LEU D 125 -6.02 9.02 22.61
CA LEU D 125 -7.41 9.31 22.27
C LEU D 125 -7.54 10.68 21.62
N LYS D 126 -6.68 11.63 21.99
CA LYS D 126 -6.66 12.92 21.31
C LYS D 126 -6.24 12.78 19.86
N SER D 127 -5.42 11.78 19.55
CA SER D 127 -4.92 11.56 18.20
C SER D 127 -5.94 10.91 17.28
N GLY D 128 -7.04 10.38 17.82
CA GLY D 128 -8.10 9.82 17.01
C GLY D 128 -8.12 8.31 16.90
N THR D 129 -7.23 7.61 17.60
CA THR D 129 -7.19 6.16 17.58
C THR D 129 -7.15 5.64 19.02
N ALA D 130 -7.55 4.39 19.19
CA ALA D 130 -7.64 3.77 20.50
C ALA D 130 -7.04 2.37 20.42
N SER D 131 -6.04 2.11 21.25
CA SER D 131 -5.42 0.79 21.35
C SER D 131 -5.63 0.25 22.75
N VAL D 132 -6.33 -0.86 22.86
CA VAL D 132 -6.54 -1.55 24.14
C VAL D 132 -5.61 -2.76 24.17
N VAL D 133 -4.84 -2.88 25.26
CA VAL D 133 -3.78 -3.88 25.37
C VAL D 133 -4.13 -4.85 26.50
N CYS D 134 -3.98 -6.14 26.22
CA CYS D 134 -4.17 -7.21 27.19
C CYS D 134 -2.86 -7.97 27.31
N LEU D 135 -2.34 -8.08 28.53
CA LEU D 135 -1.04 -8.69 28.78
C LEU D 135 -1.21 -10.03 29.48
N LEU D 136 -0.58 -11.07 28.93
CA LEU D 136 -0.47 -12.37 29.56
C LEU D 136 1.00 -12.56 29.96
N ASN D 137 1.28 -12.51 31.26
CA ASN D 137 2.64 -12.43 31.75
C ASN D 137 3.06 -13.75 32.40
N ASN D 138 4.20 -14.29 31.94
CA ASN D 138 4.90 -15.40 32.57
C ASN D 138 3.99 -16.63 32.74
N PHE D 139 3.77 -17.30 31.62
CA PHE D 139 2.95 -18.50 31.59
C PHE D 139 3.69 -19.62 30.85
N TYR D 140 3.24 -20.85 31.10
CA TYR D 140 3.75 -22.04 30.43
C TYR D 140 2.70 -23.11 30.57
N PRO D 141 2.44 -23.92 29.53
CA PRO D 141 3.10 -23.91 28.21
C PRO D 141 2.66 -22.78 27.29
N ARG D 142 3.14 -22.83 26.05
CA ARG D 142 2.92 -21.74 25.11
C ARG D 142 1.46 -21.60 24.72
N GLU D 143 0.74 -22.72 24.61
CA GLU D 143 -0.63 -22.68 24.11
C GLU D 143 -1.52 -21.83 25.01
N ALA D 144 -2.04 -20.74 24.46
CA ALA D 144 -2.94 -19.85 25.17
C ALA D 144 -3.89 -19.23 24.17
N LYS D 145 -5.07 -18.86 24.64
CA LYS D 145 -6.10 -18.27 23.80
C LYS D 145 -6.60 -16.98 24.43
N VAL D 146 -6.70 -15.93 23.63
CA VAL D 146 -7.16 -14.62 24.08
C VAL D 146 -8.33 -14.20 23.18
N GLN D 147 -9.44 -13.80 23.80
CA GLN D 147 -10.60 -13.31 23.09
C GLN D 147 -10.98 -11.92 23.60
N TRP D 148 -11.29 -11.03 22.68
CA TRP D 148 -11.74 -9.68 23.01
C TRP D 148 -13.26 -9.61 22.94
N LYS D 149 -13.86 -9.01 23.97
CA LYS D 149 -15.30 -8.82 24.03
C LYS D 149 -15.59 -7.36 24.32
N VAL D 150 -16.27 -6.70 23.39
CA VAL D 150 -16.64 -5.29 23.51
C VAL D 150 -18.16 -5.24 23.67
N ASP D 151 -18.61 -4.80 24.84
CA ASP D 151 -20.02 -4.87 25.22
C ASP D 151 -20.55 -6.29 25.08
N ASN D 152 -19.73 -7.26 25.49
CA ASN D 152 -20.04 -8.68 25.48
C ASN D 152 -20.22 -9.24 24.06
N ALA D 153 -19.65 -8.58 23.06
CA ALA D 153 -19.70 -9.05 21.68
C ALA D 153 -18.30 -9.51 21.26
N LEU D 154 -18.22 -10.73 20.73
CA LEU D 154 -16.94 -11.29 20.31
C LEU D 154 -16.38 -10.49 19.14
N GLN D 155 -15.11 -10.10 19.25
CA GLN D 155 -14.42 -9.33 18.23
C GLN D 155 -13.60 -10.27 17.34
N SER D 156 -13.36 -9.81 16.11
CA SER D 156 -12.62 -10.62 15.15
C SER D 156 -11.98 -9.71 14.12
N GLY D 157 -10.70 -9.96 13.83
CA GLY D 157 -9.98 -9.24 12.79
C GLY D 157 -9.43 -7.89 13.18
N ASN D 158 -9.64 -7.44 14.41
CA ASN D 158 -9.17 -6.12 14.84
C ASN D 158 -8.20 -6.22 16.02
N SER D 159 -7.46 -7.32 16.11
CA SER D 159 -6.48 -7.50 17.18
C SER D 159 -5.25 -8.21 16.62
N GLN D 160 -4.10 -7.88 17.21
CA GLN D 160 -2.84 -8.54 16.89
C GLN D 160 -2.19 -9.02 18.18
N GLU D 161 -1.32 -10.02 18.05
CA GLU D 161 -0.65 -10.61 19.19
C GLU D 161 0.84 -10.71 18.95
N SER D 162 1.62 -10.54 20.01
CA SER D 162 3.06 -10.68 19.98
C SER D 162 3.49 -11.47 21.20
N VAL D 163 4.48 -12.35 21.01
CA VAL D 163 4.95 -13.23 22.07
C VAL D 163 6.45 -13.08 22.22
N THR D 164 6.92 -13.00 23.46
CA THR D 164 8.34 -13.06 23.73
C THR D 164 8.84 -14.50 23.59
N GLU D 165 10.13 -14.62 23.30
CA GLU D 165 10.75 -15.94 23.27
C GLU D 165 10.85 -16.50 24.69
N GLN D 166 11.04 -17.82 24.78
CA GLN D 166 11.08 -18.47 26.09
C GLN D 166 12.20 -17.88 26.93
N ASP D 167 11.86 -17.51 28.17
CA ASP D 167 12.81 -16.84 29.04
C ASP D 167 13.93 -17.79 29.44
N SER D 168 15.15 -17.25 29.54
CA SER D 168 16.32 -18.06 29.88
C SER D 168 16.32 -18.47 31.35
N LYS D 169 15.62 -17.73 32.21
CA LYS D 169 15.65 -17.98 33.65
C LYS D 169 14.52 -18.90 34.10
N ASP D 170 13.27 -18.47 33.89
CA ASP D 170 12.11 -19.22 34.39
C ASP D 170 11.39 -20.00 33.30
N SER D 171 11.84 -19.91 32.04
CA SER D 171 11.30 -20.72 30.93
C SER D 171 9.83 -20.43 30.65
N THR D 172 9.38 -19.20 30.94
CA THR D 172 8.00 -18.81 30.70
C THR D 172 7.89 -17.97 29.44
N TYR D 173 6.64 -17.75 29.02
CA TYR D 173 6.32 -16.92 27.87
C TYR D 173 5.47 -15.74 28.32
N SER D 174 5.51 -14.66 27.54
CA SER D 174 4.64 -13.53 27.74
C SER D 174 4.02 -13.14 26.40
N LEU D 175 2.77 -12.71 26.44
CA LEU D 175 2.01 -12.40 25.24
C LEU D 175 1.24 -11.10 25.45
N SER D 176 1.18 -10.29 24.40
CA SER D 176 0.39 -9.07 24.40
C SER D 176 -0.59 -9.13 23.24
N SER D 177 -1.85 -8.77 23.52
CA SER D 177 -2.89 -8.68 22.50
C SER D 177 -3.40 -7.25 22.46
N THR D 178 -3.33 -6.63 21.28
CA THR D 178 -3.70 -5.22 21.11
C THR D 178 -4.94 -5.13 20.24
N LEU D 179 -6.02 -4.62 20.81
CA LEU D 179 -7.26 -4.38 20.09
C LEU D 179 -7.28 -2.94 19.59
N THR D 180 -7.28 -2.77 18.26
CA THR D 180 -7.17 -1.46 17.64
C THR D 180 -8.53 -1.04 17.11
N LEU D 181 -9.01 0.13 17.55
CA LEU D 181 -10.26 0.71 17.10
C LEU D 181 -10.05 2.18 16.77
N SER D 182 -10.99 2.74 16.02
CA SER D 182 -11.05 4.18 15.87
C SER D 182 -11.61 4.79 17.15
N LYS D 183 -11.36 6.09 17.34
CA LYS D 183 -11.88 6.78 18.51
C LYS D 183 -13.40 6.75 18.52
N ALA D 184 -14.02 6.89 17.35
CA ALA D 184 -15.48 6.89 17.27
C ALA D 184 -16.04 5.54 17.71
N ASP D 185 -15.51 4.44 17.14
CA ASP D 185 -15.97 3.11 17.54
C ASP D 185 -15.66 2.84 19.00
N TYR D 186 -14.54 3.35 19.51
CA TYR D 186 -14.21 3.13 20.91
C TYR D 186 -15.16 3.88 21.83
N GLU D 187 -15.58 5.08 21.44
CA GLU D 187 -16.41 5.91 22.31
C GLU D 187 -17.86 5.43 22.37
N LYS D 188 -18.31 4.61 21.43
CA LYS D 188 -19.69 4.13 21.40
C LYS D 188 -19.85 2.79 22.11
N HIS D 189 -18.94 2.44 23.02
CA HIS D 189 -19.04 1.21 23.79
C HIS D 189 -18.54 1.46 25.20
N LYS D 190 -19.01 0.64 26.13
CA LYS D 190 -18.72 0.81 27.55
C LYS D 190 -17.75 -0.24 28.07
N VAL D 191 -18.09 -1.52 27.97
CA VAL D 191 -17.31 -2.58 28.60
C VAL D 191 -16.32 -3.16 27.59
N TYR D 192 -15.06 -3.20 27.97
CA TYR D 192 -14.00 -3.80 27.18
C TYR D 192 -13.32 -4.89 28.02
N ALA D 193 -13.26 -6.10 27.48
CA ALA D 193 -12.76 -7.24 28.23
C ALA D 193 -11.93 -8.15 27.32
N CYS D 194 -10.91 -8.75 27.90
CA CYS D 194 -10.17 -9.84 27.26
C CYS D 194 -10.29 -11.09 28.13
N GLU D 195 -10.69 -12.19 27.50
CA GLU D 195 -10.88 -13.47 28.17
C GLU D 195 -9.76 -14.40 27.76
N VAL D 196 -9.13 -15.05 28.74
CA VAL D 196 -7.93 -15.84 28.53
C VAL D 196 -8.20 -17.29 28.92
N THR D 197 -7.83 -18.21 28.04
CA THR D 197 -7.90 -19.65 28.31
C THR D 197 -6.49 -20.22 28.32
N HIS D 198 -6.16 -20.97 29.37
CA HIS D 198 -4.84 -21.57 29.51
C HIS D 198 -4.95 -22.75 30.46
N GLN D 199 -4.06 -23.72 30.28
CA GLN D 199 -4.11 -24.94 31.09
C GLN D 199 -3.88 -24.65 32.57
N GLY D 200 -3.15 -23.58 32.89
CA GLY D 200 -2.93 -23.22 34.27
C GLY D 200 -4.12 -22.60 34.96
N LEU D 201 -5.17 -22.27 34.22
CA LEU D 201 -6.37 -21.67 34.78
C LEU D 201 -7.48 -22.71 34.83
N SER D 202 -8.07 -22.90 36.01
CA SER D 202 -9.17 -23.84 36.15
C SER D 202 -10.40 -23.41 35.36
N SER D 203 -10.52 -22.13 35.05
CA SER D 203 -11.61 -21.60 34.24
C SER D 203 -11.11 -20.32 33.59
N PRO D 204 -11.71 -19.92 32.45
CA PRO D 204 -11.24 -18.72 31.76
C PRO D 204 -11.27 -17.49 32.65
N VAL D 205 -10.24 -16.65 32.52
CA VAL D 205 -10.10 -15.44 33.30
C VAL D 205 -10.43 -14.25 32.40
N THR D 206 -11.27 -13.34 32.90
CA THR D 206 -11.68 -12.15 32.16
C THR D 206 -11.28 -10.91 32.95
N LYS D 207 -10.46 -10.07 32.33
CA LYS D 207 -10.12 -8.76 32.87
C LYS D 207 -10.82 -7.70 32.01
N SER D 208 -11.48 -6.76 32.67
CA SER D 208 -12.30 -5.80 31.95
C SER D 208 -12.18 -4.42 32.58
N PHE D 209 -12.70 -3.42 31.87
CA PHE D 209 -12.83 -2.07 32.39
C PHE D 209 -13.99 -1.39 31.70
N ASN D 210 -14.63 -0.46 32.39
CA ASN D 210 -15.68 0.37 31.82
C ASN D 210 -15.08 1.67 31.34
N ARG D 211 -15.31 2.00 30.07
CA ARG D 211 -14.76 3.22 29.50
C ARG D 211 -15.26 4.44 30.27
N GLY D 212 -14.34 5.32 30.64
CA GLY D 212 -14.70 6.48 31.43
C GLY D 212 -14.85 6.23 32.92
N GLU D 213 -14.29 5.13 33.41
CA GLU D 213 -14.38 4.78 34.83
C GLU D 213 -13.05 4.26 35.35
#